data_6BGE
#
_entry.id   6BGE
#
_cell.length_a   112.075
_cell.length_b   112.075
_cell.length_c   231.006
_cell.angle_alpha   90.00
_cell.angle_beta   90.00
_cell.angle_gamma   120.00
#
_symmetry.space_group_name_H-M   'P 63 2 2'
#
loop_
_entity.id
_entity.type
_entity.pdbx_description
1 polymer 'VirB11-like protein'
2 non-polymer 'SULFATE ION'
3 non-polymer GLYCEROL
4 non-polymer '4-(2-HYDROXYETHYL)-1-PIPERAZINE ETHANESULFONIC ACID'
5 non-polymer '4-[(pyridin-2-yl)oxy]benzoic acid'
6 water water
#
_entity_poly.entity_id   1
_entity_poly.type   'polypeptide(L)'
_entity_poly.pdbx_seq_one_letter_code
;LSAEDKKFLEVERALKEAALNPLRHATEELFGDFLKMENITEICYNGNKVVWVLKNNGEWQPFDVRDRKAFSLSRLMHFA
RCCASFKKKTIDNYENPILSSNLANGERVQIVLSPVTVNDETISISIRIPSKTTYPHSFFEEQGFYNLLDNKEQAISAIK
DGIAIGKNVIVCGGTGSGKTTYIKSIMEFIPKEERIISIEDTEEIVFKHHKNYTQLFFGGNITSADCLKSCLRMRPDRII
LGELRSSEAYDFYNVLCSGHKGTLTTLHAGSSEEAFIRLANMSSSNSAARNIKFESLIEGFKDLIDMIVHINHHKQCDEF
YIK
;
_entity_poly.pdbx_strand_id   A,B
#
# COMPACT_ATOMS: atom_id res chain seq x y z
N LEU A 1 28.21 -18.20 -34.43
CA LEU A 1 27.80 -19.34 -33.52
C LEU A 1 26.48 -19.02 -32.80
N SER A 2 26.42 -17.85 -32.15
CA SER A 2 25.15 -17.32 -31.64
C SER A 2 24.24 -16.93 -32.81
N ALA A 3 24.85 -16.87 -34.00
CA ALA A 3 24.20 -16.65 -35.29
C ALA A 3 23.37 -17.88 -35.70
N GLU A 4 24.05 -19.00 -35.96
CA GLU A 4 23.40 -20.19 -36.51
C GLU A 4 22.46 -20.82 -35.46
N ASP A 5 22.67 -20.51 -34.18
CA ASP A 5 21.76 -20.94 -33.09
C ASP A 5 20.38 -20.28 -33.28
N LYS A 6 20.38 -18.98 -33.63
CA LYS A 6 19.13 -18.24 -33.89
C LYS A 6 18.37 -18.85 -35.08
N LYS A 7 19.07 -19.07 -36.20
CA LYS A 7 18.44 -19.64 -37.40
C LYS A 7 17.83 -21.01 -37.07
N PHE A 8 18.60 -21.85 -36.35
CA PHE A 8 18.18 -23.20 -35.98
C PHE A 8 16.91 -23.16 -35.12
N LEU A 9 16.81 -22.14 -34.25
CA LEU A 9 15.73 -22.02 -33.29
C LEU A 9 14.57 -21.17 -33.83
N GLU A 10 14.64 -20.74 -35.09
CA GLU A 10 13.76 -19.69 -35.61
C GLU A 10 12.30 -20.11 -35.53
N VAL A 11 12.01 -21.33 -35.98
CA VAL A 11 10.65 -21.88 -36.04
C VAL A 11 10.09 -22.04 -34.62
N GLU A 12 10.91 -22.55 -33.71
CA GLU A 12 10.48 -22.71 -32.31
C GLU A 12 10.21 -21.34 -31.69
N ARG A 13 11.17 -20.42 -31.78
CA ARG A 13 11.02 -19.09 -31.20
C ARG A 13 9.69 -18.48 -31.69
N ALA A 14 9.48 -18.48 -33.00
CA ALA A 14 8.27 -17.90 -33.61
C ALA A 14 7.00 -18.51 -33.01
N LEU A 15 6.98 -19.85 -32.87
CA LEU A 15 5.82 -20.56 -32.33
C LEU A 15 5.60 -20.15 -30.87
N LYS A 16 6.66 -20.15 -30.06
CA LYS A 16 6.55 -19.79 -28.63
C LYS A 16 6.09 -18.33 -28.53
N GLU A 17 6.58 -17.48 -29.43
CA GLU A 17 6.30 -16.04 -29.43
C GLU A 17 4.82 -15.73 -29.66
N ALA A 18 4.15 -16.58 -30.46
CA ALA A 18 2.77 -16.41 -30.86
C ALA A 18 1.86 -16.41 -29.62
N ALA A 19 2.27 -17.16 -28.58
CA ALA A 19 1.57 -17.20 -27.28
C ALA A 19 2.12 -16.13 -26.31
N LEU A 20 3.45 -16.07 -26.13
CA LEU A 20 4.09 -15.12 -25.20
C LEU A 20 3.56 -13.70 -25.44
N ASN A 21 3.76 -13.22 -26.68
CA ASN A 21 3.51 -11.81 -27.01
C ASN A 21 2.13 -11.40 -26.47
N PRO A 22 1.01 -11.99 -26.95
CA PRO A 22 -0.32 -11.61 -26.48
C PRO A 22 -0.48 -11.74 -24.95
N LEU A 23 0.05 -12.83 -24.35
CA LEU A 23 -0.02 -13.02 -22.89
C LEU A 23 0.75 -11.91 -22.16
N ARG A 24 2.03 -11.72 -22.50
CA ARG A 24 2.83 -10.63 -21.99
C ARG A 24 1.97 -9.36 -21.98
N HIS A 25 1.33 -9.07 -23.12
CA HIS A 25 0.55 -7.84 -23.33
C HIS A 25 -0.65 -7.82 -22.38
N ALA A 26 -1.43 -8.90 -22.37
CA ALA A 26 -2.60 -9.00 -21.49
C ALA A 26 -2.18 -8.87 -20.02
N THR A 27 -1.11 -9.56 -19.63
CA THR A 27 -0.62 -9.52 -18.24
C THR A 27 -0.28 -8.09 -17.80
N GLU A 28 0.33 -7.31 -18.69
CA GLU A 28 0.70 -5.92 -18.43
C GLU A 28 -0.58 -5.06 -18.31
N GLU A 29 -1.51 -5.29 -19.23
CA GLU A 29 -2.80 -4.60 -19.32
C GLU A 29 -3.53 -4.65 -17.97
N LEU A 30 -3.63 -5.84 -17.39
CA LEU A 30 -4.36 -6.07 -16.16
C LEU A 30 -3.49 -5.77 -14.95
N PHE A 31 -2.40 -6.54 -14.81
CA PHE A 31 -1.73 -6.72 -13.51
C PHE A 31 -0.35 -6.03 -13.50
N GLY A 32 -0.07 -5.18 -14.48
CA GLY A 32 1.22 -4.51 -14.56
C GLY A 32 1.56 -3.76 -13.28
N ASP A 33 0.61 -2.94 -12.83
CA ASP A 33 0.80 -2.10 -11.66
C ASP A 33 1.10 -2.97 -10.45
N PHE A 34 0.38 -4.10 -10.32
CA PHE A 34 0.44 -4.94 -9.13
C PHE A 34 1.75 -5.72 -9.11
N LEU A 35 2.08 -6.38 -10.23
CA LEU A 35 3.33 -7.13 -10.40
C LEU A 35 4.56 -6.24 -10.15
N LYS A 36 4.43 -4.92 -10.31
CA LYS A 36 5.52 -3.99 -10.01
C LYS A 36 5.69 -3.85 -8.49
N MET A 37 4.58 -3.84 -7.75
CA MET A 37 4.57 -3.64 -6.27
C MET A 37 5.62 -4.53 -5.62
N GLU A 38 6.36 -3.96 -4.69
CA GLU A 38 7.44 -4.68 -4.04
C GLU A 38 6.90 -5.28 -2.72
N ASN A 39 7.52 -6.41 -2.35
CA ASN A 39 7.28 -7.17 -1.12
C ASN A 39 5.85 -7.71 -1.06
N ILE A 40 5.42 -8.36 -2.15
CA ILE A 40 4.11 -9.04 -2.25
C ILE A 40 4.33 -10.53 -2.56
N THR A 41 3.38 -11.36 -2.08
CA THR A 41 3.46 -12.82 -2.16
C THR A 41 2.27 -13.42 -2.92
N GLU A 42 1.17 -12.67 -3.07
CA GLU A 42 0.07 -13.08 -3.95
C GLU A 42 -0.64 -11.84 -4.52
N ILE A 43 -1.18 -12.00 -5.73
CA ILE A 43 -2.14 -11.07 -6.37
C ILE A 43 -3.40 -11.87 -6.74
N CYS A 44 -4.54 -11.50 -6.14
CA CYS A 44 -5.81 -12.20 -6.33
C CYS A 44 -6.82 -11.22 -6.90
N TYR A 45 -7.67 -11.72 -7.78
CA TYR A 45 -8.88 -11.03 -8.24
C TYR A 45 -10.09 -11.94 -7.92
N ASN A 46 -11.21 -11.32 -7.52
CA ASN A 46 -12.37 -12.06 -6.99
C ASN A 46 -13.66 -11.76 -7.80
N GLY A 47 -13.46 -11.35 -9.06
CA GLY A 47 -14.54 -11.09 -10.01
C GLY A 47 -15.55 -10.07 -9.54
N ASN A 48 -15.10 -9.07 -8.74
CA ASN A 48 -15.93 -8.00 -8.12
C ASN A 48 -15.19 -6.64 -8.13
N LYS A 49 -14.40 -6.36 -9.18
CA LYS A 49 -13.77 -5.02 -9.41
C LYS A 49 -12.81 -4.60 -8.28
N VAL A 50 -12.15 -5.57 -7.64
CA VAL A 50 -11.20 -5.26 -6.54
C VAL A 50 -10.03 -6.23 -6.66
N VAL A 51 -8.80 -5.69 -6.63
CA VAL A 51 -7.59 -6.52 -6.68
C VAL A 51 -6.93 -6.52 -5.30
N TRP A 52 -6.82 -7.73 -4.73
CA TRP A 52 -6.31 -8.00 -3.41
C TRP A 52 -4.87 -8.47 -3.49
N VAL A 53 -3.96 -7.67 -2.91
CA VAL A 53 -2.54 -8.00 -2.86
C VAL A 53 -2.13 -8.37 -1.43
N LEU A 54 -1.69 -9.63 -1.25
CA LEU A 54 -1.09 -10.11 -0.02
C LEU A 54 0.37 -9.67 -0.02
N LYS A 55 0.73 -8.94 1.03
CA LYS A 55 2.09 -8.42 1.23
C LYS A 55 2.89 -9.43 2.03
N ASN A 56 4.20 -9.26 2.07
CA ASN A 56 5.07 -10.18 2.82
C ASN A 56 4.74 -10.12 4.31
N ASN A 57 4.44 -8.93 4.82
CA ASN A 57 4.08 -8.70 6.24
C ASN A 57 2.76 -9.40 6.60
N GLY A 58 2.08 -10.05 5.66
CA GLY A 58 0.86 -10.82 5.93
C GLY A 58 -0.44 -10.01 5.81
N GLU A 59 -0.37 -8.73 5.46
CA GLU A 59 -1.60 -7.92 5.32
C GLU A 59 -2.11 -7.93 3.86
N TRP A 60 -3.43 -8.11 3.72
CA TRP A 60 -4.16 -8.04 2.46
C TRP A 60 -4.52 -6.59 2.20
N GLN A 61 -4.14 -6.06 1.03
CA GLN A 61 -4.54 -4.74 0.62
C GLN A 61 -5.47 -4.85 -0.57
N PRO A 62 -6.62 -4.17 -0.58
CA PRO A 62 -7.47 -4.11 -1.77
C PRO A 62 -7.17 -2.87 -2.61
N PHE A 63 -7.41 -2.96 -3.92
CA PHE A 63 -7.34 -1.82 -4.82
C PHE A 63 -8.58 -1.81 -5.71
N ASP A 64 -9.19 -0.63 -5.89
CA ASP A 64 -10.43 -0.50 -6.65
C ASP A 64 -10.04 -0.45 -8.14
N VAL A 65 -10.68 -1.27 -8.98
CA VAL A 65 -10.39 -1.24 -10.44
C VAL A 65 -11.70 -1.19 -11.24
N ARG A 66 -12.77 -0.63 -10.68
CA ARG A 66 -14.06 -0.64 -11.35
C ARG A 66 -14.00 0.25 -12.60
N ASP A 67 -13.00 1.14 -12.65
CA ASP A 67 -12.82 2.10 -13.75
C ASP A 67 -12.02 1.42 -14.86
N ARG A 68 -11.10 0.54 -14.46
CA ARG A 68 -10.23 -0.15 -15.44
C ARG A 68 -11.06 -0.82 -16.53
N LYS A 69 -10.66 -0.65 -17.79
CA LYS A 69 -11.38 -1.24 -18.94
C LYS A 69 -10.84 -2.67 -19.07
N ALA A 70 -9.67 -2.93 -18.47
CA ALA A 70 -8.95 -4.22 -18.45
C ALA A 70 -9.61 -5.23 -17.50
N PHE A 71 -10.56 -4.81 -16.69
CA PHE A 71 -11.24 -5.72 -15.75
C PHE A 71 -12.65 -5.95 -16.28
N SER A 72 -12.77 -5.94 -17.59
CA SER A 72 -14.01 -6.24 -18.33
C SER A 72 -13.99 -7.73 -18.64
N LEU A 73 -15.12 -8.38 -18.50
CA LEU A 73 -15.20 -9.83 -18.76
C LEU A 73 -14.49 -10.17 -20.07
N SER A 74 -14.72 -9.39 -21.13
CA SER A 74 -14.07 -9.68 -22.41
C SER A 74 -12.55 -9.69 -22.25
N ARG A 75 -12.04 -8.64 -21.59
CA ARG A 75 -10.63 -8.39 -21.49
C ARG A 75 -10.03 -9.45 -20.57
N LEU A 76 -10.75 -9.73 -19.47
CA LEU A 76 -10.40 -10.74 -18.46
C LEU A 76 -10.37 -12.14 -19.08
N MET A 77 -11.42 -12.45 -19.85
CA MET A 77 -11.52 -13.74 -20.53
C MET A 77 -10.37 -13.89 -21.56
N HIS A 78 -10.08 -12.84 -22.34
CA HIS A 78 -9.01 -12.88 -23.28
C HIS A 78 -7.75 -13.31 -22.52
N PHE A 79 -7.42 -12.59 -21.44
CA PHE A 79 -6.27 -12.93 -20.57
C PHE A 79 -6.35 -14.39 -20.11
N ALA A 80 -7.51 -14.82 -19.61
CA ALA A 80 -7.60 -16.23 -19.24
C ALA A 80 -7.15 -17.08 -20.43
N ARG A 81 -7.79 -16.83 -21.59
CA ARG A 81 -7.63 -17.60 -22.85
C ARG A 81 -6.15 -17.61 -23.27
N CYS A 82 -5.53 -16.44 -23.27
CA CYS A 82 -4.07 -16.30 -23.48
C CYS A 82 -3.26 -17.18 -22.52
N CYS A 83 -3.56 -17.05 -21.23
CA CYS A 83 -2.96 -17.82 -20.17
C CYS A 83 -3.03 -19.31 -20.54
N ALA A 84 -4.25 -19.82 -20.72
CA ALA A 84 -4.51 -21.24 -21.00
C ALA A 84 -3.62 -21.72 -22.15
N SER A 85 -3.77 -21.12 -23.33
CA SER A 85 -3.10 -21.52 -24.55
C SER A 85 -1.57 -21.57 -24.40
N PHE A 86 -1.00 -20.63 -23.63
CA PHE A 86 0.49 -20.54 -23.40
C PHE A 86 1.12 -21.88 -22.96
N LYS A 87 0.34 -22.67 -22.19
CA LYS A 87 0.76 -23.92 -21.57
C LYS A 87 -0.04 -25.07 -22.18
N LYS A 88 -0.53 -24.85 -23.41
CA LYS A 88 -1.14 -25.90 -24.23
C LYS A 88 -2.29 -26.53 -23.44
N LYS A 89 -3.26 -25.66 -23.08
CA LYS A 89 -4.48 -26.02 -22.37
C LYS A 89 -5.64 -25.18 -22.90
N THR A 90 -6.84 -25.55 -22.49
CA THR A 90 -8.03 -24.82 -22.81
C THR A 90 -8.71 -24.40 -21.51
N ILE A 91 -9.56 -23.38 -21.58
CA ILE A 91 -10.34 -22.92 -20.45
C ILE A 91 -11.66 -22.33 -20.96
N ASP A 92 -12.78 -22.93 -20.55
CA ASP A 92 -14.12 -22.62 -21.06
C ASP A 92 -15.10 -22.56 -19.88
N ASN A 93 -16.38 -22.34 -20.19
CA ASN A 93 -17.46 -22.29 -19.22
C ASN A 93 -18.26 -23.61 -19.22
N TYR A 94 -17.62 -24.69 -19.69
CA TYR A 94 -18.27 -26.00 -19.75
C TYR A 94 -17.41 -27.06 -19.03
N GLU A 95 -16.45 -27.65 -19.73
CA GLU A 95 -15.70 -28.80 -19.22
C GLU A 95 -14.28 -28.38 -18.80
N ASN A 96 -13.96 -27.08 -18.77
CA ASN A 96 -12.62 -26.64 -18.35
C ASN A 96 -12.69 -25.27 -17.68
N PRO A 97 -13.50 -25.10 -16.61
CA PRO A 97 -13.60 -23.83 -15.89
C PRO A 97 -12.47 -23.56 -14.89
N ILE A 98 -11.61 -24.56 -14.64
CA ILE A 98 -10.49 -24.41 -13.71
C ILE A 98 -9.20 -24.53 -14.51
N LEU A 99 -8.30 -23.55 -14.35
CA LEU A 99 -7.00 -23.56 -15.00
C LEU A 99 -5.90 -23.29 -13.99
N SER A 100 -4.92 -24.19 -14.01
CA SER A 100 -3.61 -23.96 -13.47
C SER A 100 -2.71 -23.69 -14.67
N SER A 101 -1.99 -22.56 -14.66
CA SER A 101 -1.05 -22.24 -15.75
C SER A 101 0.02 -21.27 -15.23
N ASN A 102 0.70 -20.52 -16.12
CA ASN A 102 1.75 -19.59 -15.69
C ASN A 102 1.82 -18.34 -16.57
N LEU A 103 2.32 -17.25 -15.99
CA LEU A 103 2.59 -16.01 -16.73
C LEU A 103 3.89 -16.20 -17.47
N ALA A 104 4.28 -15.20 -18.27
CA ALA A 104 5.42 -15.32 -19.17
C ALA A 104 6.67 -15.76 -18.38
N ASN A 105 6.92 -15.11 -17.24
CA ASN A 105 8.11 -15.34 -16.41
C ASN A 105 7.96 -16.52 -15.44
N GLY A 106 6.81 -17.20 -15.38
CA GLY A 106 6.71 -18.49 -14.69
C GLY A 106 5.78 -18.46 -13.49
N GLU A 107 5.38 -17.27 -13.03
CA GLU A 107 4.56 -17.16 -11.82
C GLU A 107 3.29 -18.01 -12.03
N ARG A 108 2.94 -18.80 -11.01
CA ARG A 108 1.75 -19.67 -11.08
C ARG A 108 0.47 -18.81 -11.07
N VAL A 109 -0.56 -19.31 -11.76
CA VAL A 109 -1.84 -18.64 -12.02
C VAL A 109 -2.96 -19.67 -11.94
N GLN A 110 -3.93 -19.37 -11.07
CA GLN A 110 -5.13 -20.16 -10.91
C GLN A 110 -6.30 -19.31 -11.40
N ILE A 111 -7.03 -19.82 -12.40
CA ILE A 111 -8.20 -19.13 -12.93
C ILE A 111 -9.43 -20.02 -12.70
N VAL A 112 -10.55 -19.40 -12.33
CA VAL A 112 -11.75 -20.13 -12.12
C VAL A 112 -12.88 -19.32 -12.75
N LEU A 113 -13.67 -20.01 -13.59
CA LEU A 113 -14.78 -19.44 -14.37
C LEU A 113 -16.09 -20.10 -13.92
N SER A 114 -17.20 -19.38 -14.12
CA SER A 114 -18.60 -19.93 -14.08
C SER A 114 -18.64 -21.20 -14.92
N PRO A 115 -19.35 -22.26 -14.47
CA PRO A 115 -20.24 -22.27 -13.31
C PRO A 115 -19.67 -22.68 -11.94
N VAL A 116 -18.34 -22.65 -11.80
CA VAL A 116 -17.69 -22.91 -10.49
C VAL A 116 -17.68 -21.61 -9.71
N THR A 117 -17.73 -20.47 -10.39
CA THR A 117 -17.81 -19.19 -9.67
C THR A 117 -19.27 -18.88 -9.36
N VAL A 118 -19.55 -17.95 -8.47
CA VAL A 118 -20.96 -17.72 -8.07
C VAL A 118 -21.84 -17.35 -9.26
N ASN A 119 -21.35 -16.56 -10.19
CA ASN A 119 -22.18 -16.23 -11.37
C ASN A 119 -21.30 -16.13 -12.60
N ASP A 120 -21.89 -15.67 -13.69
CA ASP A 120 -21.17 -15.58 -15.00
C ASP A 120 -20.44 -14.24 -15.13
N GLU A 121 -20.59 -13.36 -14.13
CA GLU A 121 -19.84 -12.13 -14.07
C GLU A 121 -18.59 -12.32 -13.19
N THR A 122 -18.37 -13.52 -12.65
CA THR A 122 -17.35 -13.69 -11.64
C THR A 122 -16.21 -14.57 -12.17
N ILE A 123 -15.02 -13.96 -12.26
CA ILE A 123 -13.81 -14.64 -12.69
C ILE A 123 -12.76 -14.51 -11.57
N SER A 124 -12.25 -15.66 -11.12
CA SER A 124 -11.26 -15.71 -10.07
C SER A 124 -9.89 -15.96 -10.68
N ILE A 125 -8.90 -15.17 -10.23
CA ILE A 125 -7.48 -15.25 -10.64
C ILE A 125 -6.63 -15.08 -9.37
N SER A 126 -5.66 -16.00 -9.21
CA SER A 126 -4.75 -16.05 -8.12
C SER A 126 -3.36 -16.22 -8.70
N ILE A 127 -2.45 -15.28 -8.40
CA ILE A 127 -1.07 -15.31 -8.87
C ILE A 127 -0.14 -15.38 -7.66
N ARG A 128 0.75 -16.37 -7.66
CA ARG A 128 1.72 -16.60 -6.62
C ARG A 128 3.04 -15.95 -7.02
N ILE A 129 3.37 -14.82 -6.39
CA ILE A 129 4.63 -14.14 -6.62
C ILE A 129 5.76 -14.86 -5.89
N PRO A 130 6.84 -15.34 -6.55
CA PRO A 130 8.00 -15.88 -5.83
C PRO A 130 8.81 -14.73 -5.20
N SER A 131 9.62 -15.04 -4.17
CA SER A 131 10.58 -14.07 -3.64
C SER A 131 11.54 -13.67 -4.77
N LYS A 132 11.70 -12.36 -4.96
CA LYS A 132 12.50 -11.82 -6.07
C LYS A 132 14.00 -11.82 -5.69
N THR A 133 14.29 -11.95 -4.39
CA THR A 133 15.63 -11.78 -3.83
C THR A 133 16.12 -13.09 -3.24
N THR A 134 17.45 -13.26 -3.24
CA THR A 134 18.12 -14.41 -2.69
C THR A 134 18.82 -13.98 -1.40
N TYR A 135 18.15 -14.14 -0.27
CA TYR A 135 18.69 -13.61 0.97
C TYR A 135 19.84 -14.50 1.43
N PRO A 136 20.92 -13.92 2.01
CA PRO A 136 22.02 -14.72 2.54
C PRO A 136 21.60 -15.28 3.91
N HIS A 137 22.14 -16.45 4.29
CA HIS A 137 21.73 -17.13 5.53
C HIS A 137 21.97 -16.24 6.75
N SER A 138 23.05 -15.46 6.76
CA SER A 138 23.32 -14.50 7.84
C SER A 138 22.11 -13.57 8.07
N PHE A 139 21.36 -13.21 7.01
CA PHE A 139 20.14 -12.38 7.14
C PHE A 139 19.04 -13.12 7.91
N PHE A 140 18.96 -14.44 7.75
CA PHE A 140 17.94 -15.22 8.43
C PHE A 140 18.21 -15.18 9.94
N GLU A 141 19.49 -15.33 10.31
CA GLU A 141 19.94 -15.27 11.72
C GLU A 141 19.59 -13.90 12.34
N GLU A 142 19.98 -12.82 11.64
CA GLU A 142 19.86 -11.46 12.09
C GLU A 142 18.39 -11.06 12.34
N GLN A 143 17.47 -11.52 11.49
CA GLN A 143 16.03 -11.21 11.67
C GLN A 143 15.38 -12.27 12.57
N GLY A 144 16.20 -13.15 13.15
CA GLY A 144 15.80 -14.05 14.24
C GLY A 144 14.90 -15.19 13.79
N PHE A 145 15.27 -15.78 12.65
CA PHE A 145 14.50 -16.86 12.04
C PHE A 145 14.46 -18.03 13.04
N TYR A 146 15.57 -18.21 13.75
CA TYR A 146 15.78 -19.34 14.66
C TYR A 146 15.43 -19.03 16.13
N ASN A 147 14.96 -17.81 16.43
CA ASN A 147 14.95 -17.26 17.80
C ASN A 147 13.93 -17.98 18.71
N LEU A 148 12.88 -18.59 18.13
CA LEU A 148 11.83 -19.36 18.89
C LEU A 148 12.40 -20.64 19.52
N LEU A 149 13.55 -21.14 19.04
CA LEU A 149 14.02 -22.48 19.44
C LEU A 149 14.87 -22.40 20.71
N ASP A 150 14.79 -23.44 21.53
CA ASP A 150 15.68 -23.63 22.70
C ASP A 150 17.10 -23.87 22.19
N ASN A 151 17.23 -24.85 21.28
CA ASN A 151 18.50 -25.27 20.66
C ASN A 151 18.85 -24.36 19.47
N LYS A 152 18.96 -23.04 19.71
CA LYS A 152 19.09 -22.04 18.64
C LYS A 152 20.50 -22.11 18.01
N GLU A 153 21.54 -21.95 18.84
CA GLU A 153 22.93 -21.95 18.37
C GLU A 153 23.31 -23.34 17.85
N GLN A 154 22.84 -24.36 18.57
CA GLN A 154 23.10 -25.76 18.24
C GLN A 154 22.45 -26.11 16.90
N ALA A 155 21.35 -25.42 16.55
CA ALA A 155 20.62 -25.62 15.29
C ALA A 155 21.37 -24.96 14.12
N ILE A 156 21.73 -23.69 14.31
CA ILE A 156 22.45 -22.93 13.29
C ILE A 156 23.67 -23.73 12.84
N SER A 157 24.36 -24.40 13.77
CA SER A 157 25.50 -25.29 13.46
C SER A 157 25.06 -26.60 12.79
N ALA A 158 23.92 -27.16 13.24
CA ALA A 158 23.35 -28.38 12.65
C ALA A 158 23.15 -28.18 11.14
N ILE A 159 22.53 -27.04 10.75
CA ILE A 159 22.16 -26.80 9.37
C ILE A 159 23.44 -26.57 8.57
N LYS A 160 24.36 -25.77 9.11
CA LYS A 160 25.57 -25.42 8.39
C LYS A 160 26.41 -26.69 8.19
N ASP A 161 26.63 -27.46 9.25
CA ASP A 161 27.51 -28.63 9.21
C ASP A 161 26.77 -29.75 8.46
N GLY A 162 25.54 -30.03 8.91
CA GLY A 162 24.65 -30.97 8.25
C GLY A 162 24.75 -30.87 6.73
N ILE A 163 24.35 -29.71 6.18
CA ILE A 163 24.32 -29.44 4.73
C ILE A 163 25.70 -29.71 4.11
N ALA A 164 26.74 -29.10 4.66
CA ALA A 164 28.10 -29.25 4.16
C ALA A 164 28.50 -30.74 4.05
N ILE A 165 27.90 -31.59 4.89
CA ILE A 165 28.35 -33.00 5.07
C ILE A 165 27.50 -33.92 4.21
N GLY A 166 26.37 -33.42 3.74
CA GLY A 166 25.49 -34.09 2.77
C GLY A 166 24.38 -34.86 3.46
N LYS A 167 23.75 -34.23 4.45
CA LYS A 167 22.64 -34.83 5.18
C LYS A 167 21.36 -34.63 4.36
N ASN A 168 20.37 -35.50 4.60
CA ASN A 168 19.08 -35.40 3.96
C ASN A 168 18.22 -34.46 4.80
N VAL A 169 17.92 -33.27 4.27
CA VAL A 169 17.20 -32.23 5.02
C VAL A 169 15.88 -31.90 4.30
N ILE A 170 14.84 -31.63 5.11
CA ILE A 170 13.49 -31.30 4.64
C ILE A 170 13.03 -30.00 5.30
N VAL A 171 12.68 -29.00 4.47
CA VAL A 171 12.04 -27.77 4.93
C VAL A 171 10.53 -27.89 4.65
N CYS A 172 9.73 -27.73 5.70
CA CYS A 172 8.28 -27.84 5.62
C CYS A 172 7.62 -26.62 6.28
N GLY A 173 6.35 -26.44 5.94
CA GLY A 173 5.54 -25.34 6.36
C GLY A 173 4.29 -25.26 5.49
N GLY A 174 3.53 -24.17 5.63
CA GLY A 174 2.33 -23.87 4.86
C GLY A 174 2.64 -22.95 3.70
N THR A 175 1.73 -22.89 2.73
CA THR A 175 1.91 -22.08 1.51
C THR A 175 2.29 -20.67 1.93
N GLY A 176 3.48 -20.22 1.52
CA GLY A 176 3.90 -18.83 1.66
C GLY A 176 4.72 -18.64 2.93
N SER A 177 5.20 -19.72 3.53
CA SER A 177 5.98 -19.62 4.79
C SER A 177 7.49 -19.40 4.53
N GLY A 178 7.89 -19.49 3.26
CA GLY A 178 9.22 -19.06 2.81
C GLY A 178 10.16 -20.25 2.75
N LYS A 179 9.59 -21.46 2.55
CA LYS A 179 10.36 -22.69 2.41
C LYS A 179 11.38 -22.58 1.27
N THR A 180 10.92 -22.21 0.07
CA THR A 180 11.77 -22.07 -1.12
C THR A 180 12.91 -21.11 -0.77
N THR A 181 12.55 -19.89 -0.39
CA THR A 181 13.50 -18.83 -0.04
C THR A 181 14.60 -19.34 0.91
N TYR A 182 14.24 -20.23 1.84
CA TYR A 182 15.16 -20.67 2.90
C TYR A 182 16.16 -21.70 2.34
N ILE A 183 15.63 -22.66 1.56
CA ILE A 183 16.37 -23.60 0.72
C ILE A 183 17.50 -22.86 -0.03
N LYS A 184 17.13 -21.78 -0.73
CA LYS A 184 18.05 -21.00 -1.57
C LYS A 184 19.19 -20.42 -0.72
N SER A 185 18.84 -20.01 0.52
CA SER A 185 19.79 -19.43 1.48
C SER A 185 20.86 -20.44 1.90
N ILE A 186 20.44 -21.68 2.23
CA ILE A 186 21.33 -22.67 2.85
C ILE A 186 22.20 -23.37 1.79
N MET A 187 21.89 -23.20 0.50
CA MET A 187 22.74 -23.77 -0.59
C MET A 187 24.16 -23.21 -0.49
N GLU A 188 24.32 -22.11 0.23
CA GLU A 188 25.59 -21.49 0.53
C GLU A 188 26.59 -22.50 1.10
N PHE A 189 26.08 -23.49 1.84
CA PHE A 189 26.89 -24.38 2.66
C PHE A 189 27.25 -25.64 1.89
N ILE A 190 26.57 -25.92 0.78
CA ILE A 190 26.96 -27.03 -0.07
C ILE A 190 28.28 -26.66 -0.76
N PRO A 191 29.39 -27.42 -0.59
CA PRO A 191 30.65 -27.08 -1.25
C PRO A 191 30.49 -26.64 -2.73
N LYS A 192 31.25 -25.62 -3.12
CA LYS A 192 31.21 -25.03 -4.45
C LYS A 192 31.48 -26.10 -5.53
N GLU A 193 32.23 -27.15 -5.19
CA GLU A 193 32.67 -28.20 -6.14
C GLU A 193 31.58 -29.25 -6.40
N GLU A 194 30.53 -29.32 -5.58
CA GLU A 194 29.51 -30.36 -5.77
C GLU A 194 28.59 -30.03 -6.94
N ARG A 195 28.22 -31.08 -7.70
CA ARG A 195 27.28 -31.02 -8.81
C ARG A 195 25.85 -31.08 -8.27
N ILE A 196 25.04 -30.07 -8.63
CA ILE A 196 23.67 -29.92 -8.14
C ILE A 196 22.72 -30.12 -9.31
N ILE A 197 21.63 -30.86 -9.05
CA ILE A 197 20.53 -30.99 -9.97
C ILE A 197 19.25 -30.64 -9.21
N SER A 198 18.56 -29.61 -9.72
CA SER A 198 17.29 -29.14 -9.17
C SER A 198 16.15 -29.73 -10.01
N ILE A 199 14.97 -29.84 -9.40
CA ILE A 199 13.70 -30.32 -10.05
C ILE A 199 12.56 -29.42 -9.54
N GLU A 200 11.89 -28.71 -10.45
CA GLU A 200 10.92 -27.67 -10.07
C GLU A 200 9.74 -27.68 -11.04
N ASP A 201 8.65 -27.00 -10.69
CA ASP A 201 7.54 -26.75 -11.64
C ASP A 201 7.78 -25.43 -12.37
N THR A 202 8.53 -24.52 -11.76
CA THR A 202 8.88 -23.22 -12.30
C THR A 202 10.29 -22.86 -11.87
N GLU A 203 10.98 -21.98 -12.62
CA GLU A 203 12.28 -21.55 -12.14
C GLU A 203 12.10 -20.70 -10.88
N GLU A 204 12.89 -21.00 -9.84
CA GLU A 204 12.81 -20.31 -8.58
C GLU A 204 14.18 -20.31 -7.87
N ILE A 205 14.77 -21.51 -7.70
CA ILE A 205 16.11 -21.67 -7.10
C ILE A 205 17.13 -20.95 -7.99
N VAL A 206 18.16 -20.37 -7.35
CA VAL A 206 19.25 -19.71 -8.08
C VAL A 206 20.59 -20.31 -7.62
N PHE A 207 21.59 -20.23 -8.49
CA PHE A 207 22.91 -20.81 -8.27
C PHE A 207 23.92 -19.66 -8.19
N LYS A 208 23.94 -18.98 -7.03
CA LYS A 208 24.92 -17.93 -6.71
C LYS A 208 26.30 -18.54 -6.37
N HIS A 209 26.36 -19.80 -5.95
CA HIS A 209 27.56 -20.34 -5.31
C HIS A 209 28.17 -21.52 -6.08
N HIS A 210 27.43 -22.11 -7.02
CA HIS A 210 27.88 -23.27 -7.74
C HIS A 210 27.92 -22.99 -9.24
N LYS A 211 28.91 -23.58 -9.91
CA LYS A 211 29.13 -23.40 -11.31
C LYS A 211 28.67 -24.62 -12.09
N ASN A 212 28.73 -25.83 -11.49
CA ASN A 212 28.36 -27.10 -12.17
C ASN A 212 27.00 -27.57 -11.68
N TYR A 213 25.99 -27.43 -12.54
CA TYR A 213 24.65 -27.82 -12.16
C TYR A 213 23.76 -27.88 -13.41
N THR A 214 22.55 -28.42 -13.21
CA THR A 214 21.52 -28.50 -14.25
C THR A 214 20.12 -28.40 -13.62
N GLN A 215 19.25 -27.58 -14.20
CA GLN A 215 17.89 -27.44 -13.73
C GLN A 215 16.95 -28.31 -14.58
N LEU A 216 16.13 -29.11 -13.89
CA LEU A 216 15.02 -29.85 -14.47
C LEU A 216 13.68 -29.22 -14.05
N PHE A 217 12.70 -29.37 -14.96
CA PHE A 217 11.34 -28.81 -14.85
C PHE A 217 10.31 -29.87 -15.26
N PHE A 218 9.26 -30.00 -14.46
CA PHE A 218 8.18 -30.90 -14.81
C PHE A 218 6.96 -30.05 -15.15
N GLY A 219 6.13 -30.61 -16.03
CA GLY A 219 5.10 -29.88 -16.69
C GLY A 219 4.42 -30.79 -17.68
N GLY A 220 3.18 -30.46 -18.03
CA GLY A 220 2.41 -31.20 -19.00
C GLY A 220 2.51 -32.70 -18.83
N ASN A 221 3.10 -33.35 -19.83
CA ASN A 221 3.15 -34.81 -19.89
C ASN A 221 4.35 -35.35 -19.09
N ILE A 222 5.33 -34.49 -18.78
CA ILE A 222 6.56 -34.86 -18.03
C ILE A 222 6.33 -34.66 -16.52
N THR A 223 6.42 -35.74 -15.77
CA THR A 223 6.15 -35.66 -14.32
C THR A 223 7.44 -35.42 -13.56
N SER A 224 7.34 -35.19 -12.26
CA SER A 224 8.52 -34.97 -11.39
C SER A 224 9.30 -36.27 -11.20
N ALA A 225 8.62 -37.41 -11.33
CA ALA A 225 9.21 -38.75 -11.26
C ALA A 225 10.11 -38.91 -12.47
N ASP A 226 9.63 -38.52 -13.64
CA ASP A 226 10.45 -38.58 -14.85
C ASP A 226 11.73 -37.76 -14.63
N CYS A 227 11.56 -36.57 -14.04
CA CYS A 227 12.70 -35.70 -13.75
C CYS A 227 13.64 -36.41 -12.74
N LEU A 228 13.09 -36.86 -11.61
CA LEU A 228 13.92 -37.55 -10.63
C LEU A 228 14.64 -38.78 -11.21
N LYS A 229 13.95 -39.59 -12.01
CA LYS A 229 14.52 -40.77 -12.66
C LYS A 229 15.67 -40.36 -13.58
N SER A 230 15.47 -39.29 -14.35
CA SER A 230 16.51 -38.70 -15.22
C SER A 230 17.69 -38.25 -14.38
N CYS A 231 17.39 -37.41 -13.40
CA CYS A 231 18.32 -36.79 -12.42
C CYS A 231 19.35 -37.79 -11.91
N LEU A 232 18.96 -39.05 -11.75
CA LEU A 232 19.84 -40.09 -11.14
C LEU A 232 20.75 -40.72 -12.18
N ARG A 233 20.63 -40.29 -13.43
CA ARG A 233 21.47 -40.72 -14.56
C ARG A 233 22.34 -39.53 -14.97
N MET A 234 22.39 -38.50 -14.13
CA MET A 234 23.10 -37.29 -14.50
C MET A 234 24.25 -37.02 -13.51
N ARG A 235 24.63 -38.07 -12.76
CA ARG A 235 25.79 -38.11 -11.86
C ARG A 235 25.70 -36.95 -10.87
N PRO A 236 24.54 -36.72 -10.22
CA PRO A 236 24.42 -35.64 -9.25
C PRO A 236 25.18 -35.95 -7.95
N ASP A 237 25.66 -34.89 -7.31
CA ASP A 237 26.20 -34.92 -5.96
C ASP A 237 25.14 -34.44 -4.98
N ARG A 238 24.27 -33.54 -5.44
CA ARG A 238 23.17 -33.06 -4.64
C ARG A 238 21.92 -33.08 -5.51
N ILE A 239 20.78 -33.54 -4.97
CA ILE A 239 19.47 -33.41 -5.62
C ILE A 239 18.64 -32.40 -4.83
N ILE A 240 18.20 -31.30 -5.46
CA ILE A 240 17.31 -30.34 -4.77
C ILE A 240 15.92 -30.43 -5.42
N LEU A 241 14.94 -30.88 -4.64
CA LEU A 241 13.63 -31.10 -5.17
C LEU A 241 12.76 -29.85 -5.06
N GLY A 242 12.51 -29.22 -3.95
CA GLY A 242 11.74 -27.98 -4.11
C GLY A 242 10.32 -28.19 -3.65
N GLU A 243 9.70 -29.26 -4.11
CA GLU A 243 8.42 -29.67 -3.58
C GLU A 243 8.26 -31.18 -3.77
N LEU A 244 7.92 -31.88 -2.68
CA LEU A 244 7.20 -33.16 -2.72
C LEU A 244 5.70 -32.85 -2.80
N ARG A 245 5.01 -33.36 -3.83
CA ARG A 245 3.59 -33.02 -4.01
C ARG A 245 2.74 -34.30 -3.94
N SER A 246 2.99 -35.27 -4.82
CA SER A 246 2.12 -36.45 -4.96
C SER A 246 2.93 -37.76 -5.07
N SER A 247 2.69 -38.43 -6.18
CA SER A 247 3.21 -39.75 -6.60
C SER A 247 4.66 -39.96 -6.20
N GLU A 248 5.56 -39.12 -6.72
CA GLU A 248 7.04 -39.14 -6.58
C GLU A 248 7.60 -39.39 -5.18
N ALA A 249 6.88 -39.07 -4.10
CA ALA A 249 7.33 -39.32 -2.72
C ALA A 249 7.84 -40.75 -2.58
N TYR A 250 7.44 -41.68 -3.44
CA TYR A 250 7.97 -43.04 -3.28
C TYR A 250 9.35 -43.16 -3.94
N ASP A 251 9.52 -42.51 -5.10
CA ASP A 251 10.79 -42.52 -5.80
C ASP A 251 11.87 -41.87 -4.90
N PHE A 252 11.53 -40.70 -4.35
CA PHE A 252 12.35 -39.97 -3.39
C PHE A 252 12.73 -40.89 -2.23
N TYR A 253 11.78 -41.74 -1.81
CA TYR A 253 11.94 -42.70 -0.70
C TYR A 253 13.00 -43.76 -1.04
N ASN A 254 12.93 -44.22 -2.28
CA ASN A 254 13.84 -45.27 -2.82
C ASN A 254 15.21 -44.65 -3.10
N VAL A 255 15.28 -43.34 -3.29
CA VAL A 255 16.59 -42.67 -3.52
C VAL A 255 17.34 -42.67 -2.19
N LEU A 256 16.60 -42.48 -1.12
CA LEU A 256 17.22 -42.42 0.22
C LEU A 256 17.71 -43.82 0.59
N CYS A 257 16.97 -44.84 0.18
CA CYS A 257 17.29 -46.24 0.53
C CYS A 257 18.61 -46.67 -0.12
N SER A 258 19.04 -45.98 -1.17
CA SER A 258 20.32 -46.29 -1.83
C SER A 258 21.43 -45.39 -1.30
N GLY A 259 21.11 -44.65 -0.23
CA GLY A 259 21.99 -43.73 0.54
C GLY A 259 22.59 -42.59 -0.23
N HIS A 260 21.83 -41.89 -1.09
CA HIS A 260 22.36 -40.81 -1.96
C HIS A 260 23.12 -39.69 -1.22
N LYS A 261 24.03 -39.05 -1.97
CA LYS A 261 25.02 -37.98 -1.64
C LYS A 261 24.51 -36.75 -0.87
N GLY A 262 23.21 -36.49 -0.78
CA GLY A 262 22.79 -35.26 -0.08
C GLY A 262 21.57 -34.69 -0.75
N THR A 263 20.42 -35.00 -0.19
CA THR A 263 19.13 -34.59 -0.78
C THR A 263 18.59 -33.41 0.01
N LEU A 264 17.90 -32.51 -0.67
CA LEU A 264 17.34 -31.31 -0.09
C LEU A 264 16.01 -31.05 -0.77
N THR A 265 14.94 -30.85 0.03
CA THR A 265 13.58 -30.69 -0.52
C THR A 265 12.64 -29.97 0.46
N THR A 266 11.44 -29.65 -0.06
CA THR A 266 10.36 -28.96 0.69
C THR A 266 9.08 -29.80 0.61
N LEU A 267 8.17 -29.54 1.55
CA LEU A 267 6.89 -30.29 1.69
C LEU A 267 5.93 -29.43 2.49
N HIS A 268 4.62 -29.64 2.33
CA HIS A 268 3.62 -28.89 3.12
C HIS A 268 3.26 -29.74 4.33
N ALA A 269 3.68 -29.33 5.52
CA ALA A 269 3.38 -30.09 6.74
C ALA A 269 3.30 -29.12 7.92
N GLY A 270 2.79 -29.57 9.06
CA GLY A 270 2.62 -28.67 10.20
C GLY A 270 3.65 -28.93 11.25
N SER A 271 4.32 -30.06 11.14
CA SER A 271 5.37 -30.41 12.10
C SER A 271 6.18 -31.63 11.60
N SER A 272 7.27 -31.90 12.31
CA SER A 272 8.15 -33.02 12.05
C SER A 272 7.33 -34.31 11.96
N GLU A 273 6.57 -34.62 13.01
CA GLU A 273 5.84 -35.87 13.09
C GLU A 273 4.76 -35.92 11.99
N GLU A 274 4.23 -34.73 11.61
CA GLU A 274 3.33 -34.57 10.44
C GLU A 274 4.09 -34.83 9.14
N ALA A 275 5.29 -34.26 8.98
CA ALA A 275 6.12 -34.48 7.78
C ALA A 275 6.19 -35.98 7.45
N PHE A 276 6.59 -36.79 8.43
CA PHE A 276 6.72 -38.26 8.26
C PHE A 276 5.40 -38.89 7.78
N ILE A 277 4.27 -38.32 8.19
CA ILE A 277 2.93 -38.80 7.88
C ILE A 277 2.55 -38.34 6.46
N ARG A 278 2.79 -37.07 6.14
CA ARG A 278 2.51 -36.60 4.80
C ARG A 278 3.33 -37.41 3.78
N LEU A 279 4.58 -37.73 4.15
CA LEU A 279 5.47 -38.49 3.29
C LEU A 279 4.91 -39.90 3.07
N ALA A 280 4.54 -40.58 4.15
CA ALA A 280 4.06 -41.96 4.08
C ALA A 280 2.75 -42.03 3.31
N ASN A 281 1.90 -41.02 3.46
CA ASN A 281 0.62 -40.96 2.74
C ASN A 281 0.89 -40.82 1.25
N MET A 282 1.62 -39.73 0.90
CA MET A 282 2.01 -39.40 -0.49
C MET A 282 2.64 -40.63 -1.17
N SER A 283 3.48 -41.36 -0.43
CA SER A 283 4.24 -42.51 -0.95
C SER A 283 3.29 -43.66 -1.30
N SER A 284 2.30 -43.90 -0.44
CA SER A 284 1.35 -45.01 -0.56
C SER A 284 0.47 -44.85 -1.81
N SER A 285 0.24 -43.60 -2.22
CA SER A 285 -0.53 -43.26 -3.44
C SER A 285 0.17 -43.80 -4.69
N ASN A 286 1.50 -43.98 -4.61
CA ASN A 286 2.29 -44.63 -5.66
C ASN A 286 2.02 -46.14 -5.61
N SER A 287 1.44 -46.67 -6.70
CA SER A 287 1.02 -48.07 -6.83
C SER A 287 2.19 -49.03 -6.56
N ALA A 288 3.41 -48.61 -6.90
CA ALA A 288 4.62 -49.43 -6.67
C ALA A 288 4.83 -49.76 -5.19
N ALA A 289 4.11 -49.07 -4.28
CA ALA A 289 4.18 -49.34 -2.84
C ALA A 289 2.97 -50.17 -2.38
N ARG A 290 2.24 -50.77 -3.33
CA ARG A 290 0.95 -51.45 -3.09
C ARG A 290 1.05 -52.45 -1.92
N ASN A 291 2.19 -53.12 -1.76
CA ASN A 291 2.33 -54.22 -0.78
C ASN A 291 3.21 -53.79 0.42
N ILE A 292 3.44 -52.49 0.57
CA ILE A 292 4.41 -52.00 1.56
C ILE A 292 3.65 -51.60 2.84
N LYS A 293 4.16 -52.08 3.99
CA LYS A 293 3.65 -51.72 5.32
C LYS A 293 3.75 -50.20 5.52
N PHE A 294 2.60 -49.54 5.73
CA PHE A 294 2.48 -48.07 5.92
C PHE A 294 3.28 -47.58 7.15
N GLU A 295 3.38 -48.44 8.18
CA GLU A 295 4.22 -48.20 9.37
C GLU A 295 5.70 -48.39 8.99
N SER A 296 5.96 -49.21 7.96
CA SER A 296 7.30 -49.43 7.41
C SER A 296 7.75 -48.23 6.57
N LEU A 297 6.80 -47.51 5.96
CA LEU A 297 7.11 -46.28 5.24
C LEU A 297 7.54 -45.20 6.24
N ILE A 298 6.72 -44.98 7.27
CA ILE A 298 6.97 -43.95 8.27
C ILE A 298 8.30 -44.26 8.99
N GLU A 299 8.50 -45.52 9.39
CA GLU A 299 9.74 -45.93 10.07
C GLU A 299 10.92 -45.82 9.08
N GLY A 300 10.65 -46.06 7.81
CA GLY A 300 11.66 -45.92 6.75
C GLY A 300 12.10 -44.48 6.59
N PHE A 301 11.13 -43.58 6.48
CA PHE A 301 11.40 -42.16 6.33
C PHE A 301 12.13 -41.62 7.57
N LYS A 302 11.79 -42.13 8.76
CA LYS A 302 12.41 -41.71 10.05
C LYS A 302 13.89 -42.14 10.08
N ASP A 303 14.19 -43.31 9.53
CA ASP A 303 15.54 -43.82 9.47
C ASP A 303 16.41 -42.95 8.58
N LEU A 304 15.85 -42.34 7.52
CA LEU A 304 16.66 -41.74 6.43
C LEU A 304 16.77 -40.21 6.53
N ILE A 305 15.71 -39.54 6.98
CA ILE A 305 15.67 -38.08 7.00
C ILE A 305 16.44 -37.55 8.22
N ASP A 306 17.53 -36.82 7.97
CA ASP A 306 18.44 -36.35 9.00
C ASP A 306 17.92 -35.11 9.73
N MET A 307 17.31 -34.16 9.01
CA MET A 307 16.91 -32.89 9.61
C MET A 307 15.63 -32.37 8.98
N ILE A 308 14.67 -31.93 9.81
CA ILE A 308 13.43 -31.31 9.38
C ILE A 308 13.41 -29.88 9.94
N VAL A 309 13.16 -28.89 9.10
CA VAL A 309 12.90 -27.51 9.53
C VAL A 309 11.43 -27.16 9.25
N HIS A 310 10.68 -26.78 10.30
CA HIS A 310 9.30 -26.32 10.14
C HIS A 310 9.22 -24.80 10.34
N ILE A 311 8.43 -24.15 9.49
CA ILE A 311 8.25 -22.72 9.48
C ILE A 311 6.76 -22.43 9.72
N ASN A 312 6.50 -21.64 10.78
CA ASN A 312 5.15 -21.16 11.10
C ASN A 312 4.82 -20.03 10.13
N HIS A 313 3.59 -19.50 10.24
CA HIS A 313 3.05 -18.51 9.30
C HIS A 313 3.61 -17.11 9.54
N HIS A 314 4.43 -16.91 10.59
CA HIS A 314 5.18 -15.65 10.84
C HIS A 314 6.66 -15.84 10.47
N LYS A 315 6.90 -16.72 9.48
CA LYS A 315 8.19 -16.94 8.81
C LYS A 315 9.33 -17.18 9.81
N GLN A 316 9.04 -17.94 10.88
CA GLN A 316 10.05 -18.29 11.87
C GLN A 316 10.08 -19.81 12.05
N CYS A 317 11.26 -20.36 12.35
CA CYS A 317 11.41 -21.78 12.64
C CYS A 317 10.92 -22.06 14.06
N ASP A 318 9.86 -22.88 14.17
CA ASP A 318 9.29 -23.29 15.44
C ASP A 318 9.57 -24.76 15.72
N GLU A 319 10.21 -25.47 14.78
CA GLU A 319 10.72 -26.79 15.05
C GLU A 319 11.96 -27.05 14.19
N PHE A 320 13.07 -27.40 14.87
CA PHE A 320 14.28 -27.86 14.23
C PHE A 320 14.56 -29.31 14.66
N TYR A 321 13.91 -30.24 13.96
CA TYR A 321 14.08 -31.66 14.16
C TYR A 321 15.47 -32.09 13.67
N ILE A 322 16.24 -32.74 14.56
CA ILE A 322 17.48 -33.40 14.20
C ILE A 322 17.34 -34.91 14.44
N LYS A 323 17.96 -35.70 13.56
CA LYS A 323 18.10 -37.17 13.71
C LYS A 323 16.75 -37.81 14.03
N LEU B 1 -39.29 25.67 -10.43
CA LEU B 1 -38.44 26.51 -9.50
C LEU B 1 -36.96 26.10 -9.62
N SER B 2 -36.67 24.80 -9.48
CA SER B 2 -35.35 24.25 -9.81
C SER B 2 -35.12 24.34 -11.32
N ALA B 3 -36.22 24.60 -12.05
CA ALA B 3 -36.23 24.82 -13.48
C ALA B 3 -35.57 26.17 -13.81
N GLU B 4 -36.21 27.27 -13.39
CA GLU B 4 -35.80 28.63 -13.78
C GLU B 4 -34.45 28.98 -13.14
N ASP B 5 -34.07 28.27 -12.07
CA ASP B 5 -32.75 28.42 -11.43
C ASP B 5 -31.65 27.94 -12.38
N LYS B 6 -31.89 26.81 -13.07
CA LYS B 6 -30.98 26.27 -14.09
C LYS B 6 -30.82 27.27 -15.25
N LYS B 7 -31.93 27.79 -15.77
CA LYS B 7 -31.88 28.71 -16.91
C LYS B 7 -31.09 29.96 -16.53
N PHE B 8 -31.32 30.47 -15.32
CA PHE B 8 -30.69 31.68 -14.79
C PHE B 8 -29.18 31.47 -14.69
N LEU B 9 -28.77 30.26 -14.27
CA LEU B 9 -27.39 29.94 -13.95
C LEU B 9 -26.66 29.36 -15.18
N GLU B 10 -27.32 29.32 -16.34
CA GLU B 10 -26.89 28.53 -17.51
C GLU B 10 -25.53 29.03 -18.00
N VAL B 11 -25.40 30.35 -18.10
CA VAL B 11 -24.18 31.01 -18.63
C VAL B 11 -23.01 30.75 -17.67
N GLU B 12 -23.26 30.89 -16.36
CA GLU B 12 -22.22 30.67 -15.35
C GLU B 12 -21.79 29.19 -15.37
N ARG B 13 -22.76 28.28 -15.26
CA ARG B 13 -22.47 26.85 -15.28
C ARG B 13 -21.57 26.53 -16.49
N ALA B 14 -21.99 26.94 -17.70
CA ALA B 14 -21.25 26.68 -18.91
C ALA B 14 -19.80 27.20 -18.79
N LEU B 15 -19.62 28.42 -18.28
CA LEU B 15 -18.28 29.03 -18.13
C LEU B 15 -17.46 28.20 -17.15
N LYS B 16 -18.03 27.87 -15.97
CA LYS B 16 -17.35 27.07 -14.94
C LYS B 16 -16.98 25.68 -15.51
N GLU B 17 -17.86 25.11 -16.33
CA GLU B 17 -17.71 23.77 -16.91
C GLU B 17 -16.54 23.69 -17.89
N ALA B 18 -16.24 24.80 -18.57
CA ALA B 18 -15.20 24.84 -19.58
C ALA B 18 -13.83 24.52 -18.95
N ALA B 19 -13.64 24.88 -17.66
CA ALA B 19 -12.41 24.58 -16.90
C ALA B 19 -12.52 23.24 -16.13
N LEU B 20 -13.66 22.99 -15.48
CA LEU B 20 -13.89 21.78 -14.65
C LEU B 20 -13.66 20.51 -15.48
N ASN B 21 -14.38 20.43 -16.60
CA ASN B 21 -14.44 19.22 -17.44
C ASN B 21 -13.02 18.76 -17.77
N PRO B 22 -12.19 19.55 -18.49
CA PRO B 22 -10.82 19.15 -18.77
C PRO B 22 -10.02 18.84 -17.50
N LEU B 23 -10.14 19.67 -16.46
CA LEU B 23 -9.39 19.41 -15.22
C LEU B 23 -9.82 18.07 -14.63
N ARG B 24 -11.14 17.89 -14.45
CA ARG B 24 -11.71 16.64 -13.96
C ARG B 24 -11.06 15.47 -14.71
N HIS B 25 -11.05 15.57 -16.04
CA HIS B 25 -10.52 14.53 -16.92
C HIS B 25 -9.03 14.31 -16.66
N ALA B 26 -8.22 15.39 -16.69
CA ALA B 26 -6.76 15.32 -16.47
C ALA B 26 -6.44 14.68 -15.10
N THR B 27 -7.10 15.16 -14.03
CA THR B 27 -6.92 14.64 -12.66
C THR B 27 -7.16 13.13 -12.62
N GLU B 28 -8.25 12.66 -13.23
CA GLU B 28 -8.56 11.21 -13.31
C GLU B 28 -7.46 10.46 -14.08
N GLU B 29 -7.05 11.03 -15.21
CA GLU B 29 -5.95 10.51 -16.05
C GLU B 29 -4.71 10.22 -15.19
N LEU B 30 -4.22 11.22 -14.44
CA LEU B 30 -2.97 11.11 -13.66
C LEU B 30 -3.17 10.40 -12.34
N PHE B 31 -4.07 10.94 -11.51
CA PHE B 31 -4.08 10.69 -10.06
C PHE B 31 -5.33 9.91 -9.61
N GLY B 32 -6.18 9.49 -10.56
CA GLY B 32 -7.39 8.75 -10.20
C GLY B 32 -7.10 7.62 -9.22
N ASP B 33 -6.10 6.80 -9.55
CA ASP B 33 -5.86 5.59 -8.84
C ASP B 33 -5.55 5.94 -7.38
N PHE B 34 -4.75 7.01 -7.21
CA PHE B 34 -4.20 7.41 -5.90
C PHE B 34 -5.27 8.10 -5.06
N LEU B 35 -6.05 8.96 -5.69
CA LEU B 35 -7.20 9.62 -5.05
C LEU B 35 -8.20 8.58 -4.52
N LYS B 36 -8.27 7.41 -5.17
CA LYS B 36 -9.16 6.32 -4.75
C LYS B 36 -8.65 5.69 -3.43
N MET B 37 -7.32 5.65 -3.29
CA MET B 37 -6.68 5.03 -2.17
C MET B 37 -7.24 5.63 -0.89
N GLU B 38 -7.49 4.76 0.09
CA GLU B 38 -8.12 5.15 1.34
C GLU B 38 -7.02 5.33 2.40
N ASN B 39 -7.30 6.21 3.37
CA ASN B 39 -6.45 6.54 4.53
C ASN B 39 -5.11 7.17 4.12
N ILE B 40 -5.16 8.14 3.21
CA ILE B 40 -3.98 8.92 2.75
C ILE B 40 -4.20 10.41 3.06
N THR B 41 -3.09 11.14 3.22
CA THR B 41 -3.15 12.54 3.63
C THR B 41 -2.42 13.44 2.62
N GLU B 42 -1.46 12.90 1.86
CA GLU B 42 -0.84 13.66 0.77
C GLU B 42 -0.50 12.72 -0.38
N ILE B 43 -0.70 13.22 -1.61
CA ILE B 43 -0.20 12.62 -2.84
C ILE B 43 0.84 13.57 -3.44
N CYS B 44 2.09 13.13 -3.53
CA CYS B 44 3.20 13.94 -4.07
C CYS B 44 3.71 13.32 -5.37
N TYR B 45 4.20 14.17 -6.30
CA TYR B 45 5.00 13.74 -7.50
C TYR B 45 6.29 14.57 -7.55
N ASN B 46 7.42 13.91 -7.85
CA ASN B 46 8.74 14.55 -7.73
C ASN B 46 9.46 14.57 -9.10
N GLY B 47 8.70 14.52 -10.19
CA GLY B 47 9.21 14.64 -11.56
C GLY B 47 10.25 13.58 -11.90
N ASN B 48 10.12 12.38 -11.34
CA ASN B 48 11.06 11.25 -11.51
C ASN B 48 10.29 9.91 -11.60
N LYS B 49 9.11 9.93 -12.20
CA LYS B 49 8.38 8.69 -12.58
C LYS B 49 7.93 7.90 -11.35
N VAL B 50 7.81 8.57 -10.20
CA VAL B 50 7.39 7.91 -8.94
C VAL B 50 6.37 8.78 -8.22
N VAL B 51 5.25 8.18 -7.84
CA VAL B 51 4.20 8.84 -7.05
C VAL B 51 4.26 8.36 -5.60
N TRP B 52 4.41 9.35 -4.70
CA TRP B 52 4.67 9.15 -3.29
C TRP B 52 3.43 9.53 -2.49
N VAL B 53 2.77 8.51 -1.90
CA VAL B 53 1.55 8.71 -1.10
C VAL B 53 1.88 8.62 0.40
N LEU B 54 1.65 9.73 1.11
CA LEU B 54 1.67 9.76 2.56
C LEU B 54 0.34 9.21 3.10
N LYS B 55 0.47 8.19 3.96
CA LYS B 55 -0.65 7.52 4.60
C LYS B 55 -0.91 8.15 5.97
N ASN B 56 -2.10 7.89 6.48
CA ASN B 56 -2.56 8.43 7.76
C ASN B 56 -1.59 8.00 8.88
N ASN B 57 -1.10 6.76 8.81
CA ASN B 57 -0.13 6.17 9.79
C ASN B 57 1.30 6.75 9.67
N GLY B 58 1.52 7.67 8.73
CA GLY B 58 2.78 8.43 8.64
C GLY B 58 3.82 7.78 7.74
N GLU B 59 3.46 6.71 7.02
CA GLU B 59 4.42 6.05 6.12
C GLU B 59 4.21 6.57 4.68
N TRP B 60 5.33 6.74 3.98
CA TRP B 60 5.39 7.17 2.57
C TRP B 60 5.49 5.94 1.67
N GLN B 61 4.56 5.80 0.73
CA GLN B 61 4.61 4.70 -0.22
C GLN B 61 4.92 5.22 -1.60
N PRO B 62 5.96 4.71 -2.29
CA PRO B 62 6.22 5.06 -3.68
C PRO B 62 5.53 4.09 -4.62
N PHE B 63 5.12 4.59 -5.80
CA PHE B 63 4.51 3.79 -6.84
C PHE B 63 5.20 4.09 -8.17
N ASP B 64 5.49 3.06 -8.97
CA ASP B 64 6.20 3.25 -10.23
C ASP B 64 5.20 3.67 -11.32
N VAL B 65 5.45 4.79 -12.00
CA VAL B 65 4.56 5.21 -13.09
C VAL B 65 5.36 5.52 -14.37
N ARG B 66 6.49 4.84 -14.59
CA ARG B 66 7.35 5.16 -15.73
C ARG B 66 6.73 4.64 -17.04
N ASP B 67 5.73 3.76 -16.93
CA ASP B 67 4.99 3.20 -18.08
C ASP B 67 3.76 4.06 -18.39
N ARG B 68 3.21 4.71 -17.37
CA ARG B 68 2.04 5.53 -17.55
C ARG B 68 2.42 6.76 -18.35
N LYS B 69 1.68 6.86 -19.43
CA LYS B 69 1.75 7.83 -20.40
C LYS B 69 1.29 9.19 -19.85
N ALA B 70 0.26 9.12 -19.00
CA ALA B 70 -0.27 10.26 -18.27
C ALA B 70 0.84 11.05 -17.55
N PHE B 71 1.99 10.41 -17.26
CA PHE B 71 3.12 11.02 -16.54
C PHE B 71 4.22 11.44 -17.52
N SER B 72 3.82 11.87 -18.72
CA SER B 72 4.68 12.54 -19.70
C SER B 72 4.62 14.04 -19.47
N LEU B 73 5.67 14.77 -19.85
CA LEU B 73 5.73 16.20 -19.62
C LEU B 73 4.50 16.87 -20.25
N SER B 74 4.18 16.51 -21.48
CA SER B 74 3.09 17.17 -22.19
C SER B 74 1.80 17.00 -21.38
N ARG B 75 1.55 15.76 -20.93
CA ARG B 75 0.32 15.41 -20.23
C ARG B 75 0.32 16.07 -18.85
N LEU B 76 1.46 15.98 -18.14
CA LEU B 76 1.70 16.65 -16.86
C LEU B 76 1.47 18.16 -16.96
N MET B 77 2.03 18.78 -18.00
CA MET B 77 1.93 20.23 -18.20
C MET B 77 0.49 20.64 -18.54
N HIS B 78 -0.22 19.80 -19.28
CA HIS B 78 -1.61 20.05 -19.61
C HIS B 78 -2.39 20.13 -18.30
N PHE B 79 -2.19 19.10 -17.45
CA PHE B 79 -2.77 19.06 -16.10
C PHE B 79 -2.39 20.33 -15.32
N ALA B 80 -1.10 20.66 -15.28
CA ALA B 80 -0.70 21.86 -14.60
C ALA B 80 -1.56 23.01 -15.13
N ARG B 81 -1.54 23.19 -16.47
CA ARG B 81 -2.23 24.29 -17.20
C ARG B 81 -3.73 24.27 -16.84
N CYS B 82 -4.35 23.10 -16.90
CA CYS B 82 -5.75 22.95 -16.50
C CYS B 82 -5.97 23.46 -15.09
N CYS B 83 -5.12 23.01 -14.17
CA CYS B 83 -5.13 23.39 -12.77
C CYS B 83 -5.13 24.92 -12.63
N ALA B 84 -4.08 25.57 -13.15
CA ALA B 84 -3.93 27.03 -13.07
C ALA B 84 -5.23 27.73 -13.49
N SER B 85 -5.65 27.49 -14.73
CA SER B 85 -6.80 28.17 -15.37
C SER B 85 -8.08 28.06 -14.54
N PHE B 86 -8.31 26.91 -13.90
CA PHE B 86 -9.51 26.65 -13.07
C PHE B 86 -9.73 27.72 -11.97
N LYS B 87 -8.64 28.28 -11.44
CA LYS B 87 -8.64 29.27 -10.36
C LYS B 87 -8.14 30.62 -10.88
N LYS B 88 -8.28 30.82 -12.20
CA LYS B 88 -8.02 32.09 -12.85
C LYS B 88 -6.59 32.52 -12.53
N LYS B 89 -5.64 31.66 -12.92
CA LYS B 89 -4.20 31.94 -12.84
C LYS B 89 -3.51 31.27 -14.03
N THR B 90 -2.22 31.59 -14.15
CA THR B 90 -1.38 31.15 -15.22
C THR B 90 -0.22 30.40 -14.58
N ILE B 91 0.34 29.42 -15.29
CA ILE B 91 1.58 28.75 -14.84
C ILE B 91 2.49 28.51 -16.05
N ASP B 92 3.73 29.00 -15.98
CA ASP B 92 4.68 29.01 -17.10
C ASP B 92 6.09 28.70 -16.56
N ASN B 93 7.07 28.66 -17.47
CA ASN B 93 8.48 28.38 -17.16
C ASN B 93 9.28 29.69 -17.10
N TYR B 94 8.59 30.81 -16.86
CA TYR B 94 9.23 32.14 -16.86
C TYR B 94 8.87 32.85 -15.55
N GLU B 95 7.74 33.57 -15.54
CA GLU B 95 7.40 34.42 -14.40
C GLU B 95 6.38 33.76 -13.48
N ASN B 96 5.94 32.52 -13.78
CA ASN B 96 4.89 31.85 -12.96
C ASN B 96 5.15 30.34 -12.88
N PRO B 97 6.33 29.92 -12.41
CA PRO B 97 6.63 28.49 -12.24
C PRO B 97 6.12 27.85 -10.94
N ILE B 98 5.58 28.66 -10.01
CA ILE B 98 5.00 28.13 -8.80
C ILE B 98 3.50 28.38 -8.94
N LEU B 99 2.68 27.36 -8.63
CA LEU B 99 1.24 27.50 -8.52
C LEU B 99 0.75 26.91 -7.21
N SER B 100 -0.15 27.66 -6.56
CA SER B 100 -1.13 27.16 -5.59
C SER B 100 -2.49 27.20 -6.26
N SER B 101 -3.19 26.06 -6.32
CA SER B 101 -4.54 26.01 -6.93
C SER B 101 -5.33 24.88 -6.27
N ASN B 102 -6.34 24.33 -6.97
CA ASN B 102 -7.19 23.29 -6.39
C ASN B 102 -7.74 22.37 -7.49
N LEU B 103 -8.04 21.14 -7.10
CA LEU B 103 -8.71 20.18 -7.96
C LEU B 103 -10.20 20.54 -7.98
N ALA B 104 -10.98 19.77 -8.72
CA ALA B 104 -12.39 20.04 -8.91
C ALA B 104 -13.11 20.07 -7.55
N ASN B 105 -12.78 19.12 -6.65
CA ASN B 105 -13.47 18.99 -5.36
C ASN B 105 -12.78 19.76 -4.22
N GLY B 106 -11.70 20.51 -4.51
CA GLY B 106 -11.20 21.54 -3.57
C GLY B 106 -9.83 21.22 -2.96
N GLU B 107 -9.39 19.97 -3.07
CA GLU B 107 -8.10 19.53 -2.57
C GLU B 107 -7.03 20.53 -3.03
N ARG B 108 -6.13 20.93 -2.11
CA ARG B 108 -5.07 21.90 -2.44
C ARG B 108 -4.00 21.20 -3.30
N VAL B 109 -3.47 21.95 -4.29
CA VAL B 109 -2.43 21.52 -5.23
C VAL B 109 -1.32 22.58 -5.27
N GLN B 110 -0.08 22.13 -5.05
CA GLN B 110 1.12 22.90 -5.28
C GLN B 110 1.88 22.28 -6.45
N ILE B 111 2.16 23.10 -7.47
CA ILE B 111 2.91 22.69 -8.64
C ILE B 111 4.15 23.58 -8.76
N VAL B 112 5.29 22.98 -9.08
CA VAL B 112 6.50 23.71 -9.34
C VAL B 112 7.09 23.22 -10.65
N LEU B 113 7.50 24.19 -11.49
CA LEU B 113 8.10 24.00 -12.80
C LEU B 113 9.53 24.56 -12.81
N SER B 114 10.33 24.05 -13.77
CA SER B 114 11.63 24.64 -14.21
C SER B 114 11.43 26.12 -14.53
N PRO B 115 12.35 27.01 -14.13
CA PRO B 115 13.66 26.72 -13.55
C PRO B 115 13.77 26.69 -12.02
N VAL B 116 12.65 26.54 -11.30
CA VAL B 116 12.70 26.35 -9.85
C VAL B 116 13.07 24.88 -9.53
N THR B 117 12.43 23.93 -10.22
CA THR B 117 12.83 22.56 -10.10
C THR B 117 14.20 22.38 -10.76
N VAL B 118 14.87 21.25 -10.47
CA VAL B 118 16.31 21.04 -10.77
C VAL B 118 16.59 21.05 -12.27
N ASN B 119 15.64 20.60 -13.08
CA ASN B 119 15.81 20.62 -14.54
C ASN B 119 14.43 20.65 -15.22
N ASP B 120 14.41 20.64 -16.56
CA ASP B 120 13.19 20.95 -17.39
C ASP B 120 12.37 19.68 -17.67
N GLU B 121 12.84 18.54 -17.15
CA GLU B 121 12.12 17.29 -17.13
C GLU B 121 11.45 17.07 -15.77
N THR B 122 11.55 18.05 -14.85
CA THR B 122 11.16 17.84 -13.44
C THR B 122 9.99 18.74 -13.02
N ILE B 123 8.84 18.10 -12.82
CA ILE B 123 7.61 18.79 -12.41
C ILE B 123 7.19 18.26 -11.03
N SER B 124 6.96 19.18 -10.08
CA SER B 124 6.59 18.82 -8.73
C SER B 124 5.11 19.11 -8.54
N ILE B 125 4.37 18.15 -8.00
CA ILE B 125 2.94 18.26 -7.66
C ILE B 125 2.71 17.69 -6.25
N SER B 126 1.96 18.44 -5.44
CA SER B 126 1.64 18.10 -4.03
C SER B 126 0.17 18.40 -3.78
N ILE B 127 -0.55 17.37 -3.35
CA ILE B 127 -1.95 17.44 -3.18
C ILE B 127 -2.22 17.05 -1.73
N ARG B 128 -2.91 17.94 -1.01
CA ARG B 128 -3.28 17.71 0.35
C ARG B 128 -4.67 17.08 0.35
N ILE B 129 -4.78 15.85 0.83
CA ILE B 129 -6.05 15.15 0.92
C ILE B 129 -6.67 15.50 2.27
N PRO B 130 -7.90 16.09 2.35
CA PRO B 130 -8.57 16.26 3.63
C PRO B 130 -9.05 14.90 4.17
N SER B 131 -9.32 14.85 5.48
CA SER B 131 -9.98 13.70 6.04
C SER B 131 -11.35 13.55 5.36
N LYS B 132 -11.70 12.34 4.95
CA LYS B 132 -12.94 12.11 4.21
C LYS B 132 -14.07 11.88 5.23
N THR B 133 -13.73 11.55 6.48
CA THR B 133 -14.69 11.12 7.50
C THR B 133 -14.78 12.17 8.61
N THR B 134 -15.97 12.24 9.24
CA THR B 134 -16.25 13.13 10.37
C THR B 134 -16.35 12.27 11.63
N TYR B 135 -15.23 12.14 12.35
CA TYR B 135 -15.14 11.21 13.46
C TYR B 135 -15.88 11.80 14.66
N PRO B 136 -16.63 10.99 15.43
CA PRO B 136 -17.31 11.50 16.61
C PRO B 136 -16.25 11.69 17.70
N HIS B 137 -16.49 12.61 18.64
CA HIS B 137 -15.51 12.90 19.68
C HIS B 137 -15.22 11.66 20.52
N SER B 138 -16.23 10.81 20.73
CA SER B 138 -16.06 9.56 21.47
C SER B 138 -14.96 8.68 20.84
N PHE B 139 -14.80 8.73 19.51
CA PHE B 139 -13.72 7.99 18.84
C PHE B 139 -12.35 8.55 19.23
N PHE B 140 -12.28 9.86 19.46
CA PHE B 140 -11.03 10.52 19.83
C PHE B 140 -10.57 9.98 21.20
N GLU B 141 -11.51 9.92 22.15
CA GLU B 141 -11.26 9.40 23.51
C GLU B 141 -10.78 7.94 23.45
N GLU B 142 -11.52 7.10 22.72
CA GLU B 142 -11.29 5.66 22.61
C GLU B 142 -9.90 5.33 22.06
N GLN B 143 -9.42 6.09 21.05
CA GLN B 143 -8.12 5.84 20.44
C GLN B 143 -7.03 6.60 21.22
N GLY B 144 -7.42 7.15 22.37
CA GLY B 144 -6.48 7.73 23.33
C GLY B 144 -5.82 9.02 22.88
N PHE B 145 -6.60 9.90 22.26
CA PHE B 145 -6.08 11.19 21.78
C PHE B 145 -5.54 12.00 22.96
N TYR B 146 -6.16 11.85 24.13
CA TYR B 146 -5.88 12.65 25.33
C TYR B 146 -4.92 11.95 26.30
N ASN B 147 -4.48 10.72 25.96
CA ASN B 147 -3.89 9.75 26.93
C ASN B 147 -2.51 10.21 27.43
N LEU B 148 -1.79 11.04 26.66
CA LEU B 148 -0.49 11.63 27.06
C LEU B 148 -0.60 12.62 28.24
N LEU B 149 -1.79 13.15 28.52
CA LEU B 149 -1.92 14.28 29.47
C LEU B 149 -2.09 13.74 30.90
N ASP B 150 -1.57 14.50 31.87
CA ASP B 150 -1.85 14.28 33.31
C ASP B 150 -3.32 14.55 33.60
N ASN B 151 -3.78 15.72 33.15
CA ASN B 151 -5.14 16.21 33.35
C ASN B 151 -6.06 15.68 32.24
N LYS B 152 -6.15 14.35 32.11
CA LYS B 152 -6.83 13.72 30.98
C LYS B 152 -8.35 13.89 31.11
N GLU B 153 -8.90 13.40 32.23
CA GLU B 153 -10.36 13.43 32.46
C GLU B 153 -10.83 14.88 32.65
N GLN B 154 -9.97 15.68 33.28
CA GLN B 154 -10.24 17.08 33.57
C GLN B 154 -10.25 17.89 32.26
N ALA B 155 -9.51 17.43 31.25
CA ALA B 155 -9.46 18.06 29.92
C ALA B 155 -10.69 17.70 29.07
N ILE B 156 -11.03 16.40 29.02
CA ILE B 156 -12.20 15.94 28.29
C ILE B 156 -13.43 16.75 28.72
N SER B 157 -13.55 17.06 30.01
CA SER B 157 -14.65 17.90 30.51
C SER B 157 -14.45 19.38 30.12
N ALA B 158 -13.21 19.87 30.24
CA ALA B 158 -12.85 21.23 29.85
C ALA B 158 -13.30 21.51 28.40
N ILE B 159 -13.07 20.57 27.47
CA ILE B 159 -13.39 20.80 26.07
C ILE B 159 -14.91 20.75 25.88
N LYS B 160 -15.52 19.72 26.44
CA LYS B 160 -16.99 19.57 26.29
C LYS B 160 -17.69 20.72 27.01
N ASP B 161 -17.41 20.95 28.29
CA ASP B 161 -18.13 22.04 29.00
C ASP B 161 -17.73 23.39 28.43
N GLY B 162 -16.45 23.61 28.13
CA GLY B 162 -16.00 24.91 27.62
C GLY B 162 -16.63 25.28 26.29
N ILE B 163 -16.58 24.40 25.31
CA ILE B 163 -17.20 24.62 23.98
C ILE B 163 -18.66 24.99 24.16
N ALA B 164 -19.39 24.17 24.90
CA ALA B 164 -20.84 24.36 25.07
C ALA B 164 -21.15 25.69 25.73
N ILE B 165 -20.15 26.34 26.30
CA ILE B 165 -20.32 27.62 27.06
C ILE B 165 -19.97 28.80 26.18
N GLY B 166 -19.10 28.58 25.19
CA GLY B 166 -18.74 29.65 24.25
C GLY B 166 -17.36 30.16 24.50
N LYS B 167 -16.47 29.31 24.98
CA LYS B 167 -15.10 29.75 25.24
C LYS B 167 -14.38 29.94 23.89
N ASN B 168 -13.33 30.76 23.89
CA ASN B 168 -12.48 30.91 22.75
C ASN B 168 -11.40 29.83 22.81
N VAL B 169 -11.47 28.87 21.89
CA VAL B 169 -10.55 27.71 21.91
C VAL B 169 -9.75 27.70 20.60
N ILE B 170 -8.48 27.28 20.71
CA ILE B 170 -7.54 27.24 19.58
C ILE B 170 -6.90 25.86 19.54
N VAL B 171 -7.03 25.18 18.38
CA VAL B 171 -6.35 23.93 18.13
C VAL B 171 -5.12 24.27 17.29
N CYS B 172 -3.94 23.82 17.73
CA CYS B 172 -2.69 24.05 17.01
C CYS B 172 -1.87 22.76 16.93
N GLY B 173 -0.94 22.77 15.97
CA GLY B 173 -0.09 21.67 15.61
C GLY B 173 0.57 21.94 14.27
N GLY B 174 1.26 20.92 13.72
CA GLY B 174 1.94 21.00 12.42
C GLY B 174 1.05 20.51 11.30
N THR B 175 1.47 20.79 10.06
CA THR B 175 0.73 20.36 8.87
C THR B 175 0.49 18.85 8.97
N GLY B 176 -0.78 18.44 9.01
CA GLY B 176 -1.17 17.03 8.93
C GLY B 176 -1.44 16.40 10.29
N SER B 177 -1.49 17.19 11.37
CA SER B 177 -1.63 16.65 12.77
C SER B 177 -3.10 16.39 13.14
N GLY B 178 -4.03 16.87 12.31
CA GLY B 178 -5.44 16.54 12.46
C GLY B 178 -6.23 17.61 13.19
N LYS B 179 -5.74 18.86 13.06
CA LYS B 179 -6.40 20.04 13.62
C LYS B 179 -7.84 20.16 13.09
N THR B 180 -7.97 20.19 11.76
CA THR B 180 -9.27 20.36 11.11
C THR B 180 -10.18 19.25 11.62
N THR B 181 -9.71 18.00 11.46
CA THR B 181 -10.47 16.81 11.88
C THR B 181 -10.97 16.96 13.32
N TYR B 182 -10.17 17.55 14.20
CA TYR B 182 -10.50 17.59 15.64
C TYR B 182 -11.59 18.64 15.90
N ILE B 183 -11.45 19.82 15.27
CA ILE B 183 -12.43 20.92 15.24
C ILE B 183 -13.83 20.38 14.90
N LYS B 184 -13.93 19.64 13.79
CA LYS B 184 -15.19 19.09 13.29
C LYS B 184 -15.83 18.19 14.36
N SER B 185 -14.98 17.45 15.11
CA SER B 185 -15.45 16.51 16.14
C SER B 185 -16.13 17.25 17.31
N ILE B 186 -15.51 18.35 17.76
CA ILE B 186 -15.96 19.06 18.99
C ILE B 186 -17.14 19.99 18.70
N MET B 187 -17.48 20.22 17.42
CA MET B 187 -18.68 21.00 17.05
C MET B 187 -19.96 20.36 17.60
N GLU B 188 -19.88 19.06 17.90
CA GLU B 188 -20.93 18.27 18.55
C GLU B 188 -21.47 18.97 19.81
N PHE B 189 -20.60 19.73 20.48
CA PHE B 189 -20.87 20.24 21.83
C PHE B 189 -21.47 21.64 21.78
N ILE B 190 -21.32 22.32 20.63
CA ILE B 190 -21.97 23.62 20.42
C ILE B 190 -23.46 23.39 20.29
N PRO B 191 -24.31 23.99 21.17
CA PRO B 191 -25.75 23.78 21.09
C PRO B 191 -26.30 23.81 19.66
N LYS B 192 -27.27 22.93 19.36
CA LYS B 192 -27.84 22.76 18.02
C LYS B 192 -28.53 24.06 17.53
N GLU B 193 -29.03 24.90 18.45
CA GLU B 193 -29.74 26.16 18.13
C GLU B 193 -28.77 27.31 17.78
N GLU B 194 -27.46 27.15 18.00
CA GLU B 194 -26.52 28.25 17.78
C GLU B 194 -26.26 28.40 16.28
N ARG B 195 -26.24 29.65 15.82
CA ARG B 195 -25.91 30.01 14.44
C ARG B 195 -24.39 30.00 14.26
N ILE B 196 -23.91 29.22 13.30
CA ILE B 196 -22.48 29.08 13.05
C ILE B 196 -22.16 29.68 11.67
N ILE B 197 -21.06 30.44 11.63
CA ILE B 197 -20.47 30.92 10.43
C ILE B 197 -19.02 30.41 10.37
N SER B 198 -18.72 29.68 9.30
CA SER B 198 -17.39 29.14 9.06
C SER B 198 -16.67 30.04 8.02
N ILE B 199 -15.33 30.04 8.06
CA ILE B 199 -14.47 30.78 7.15
C ILE B 199 -13.29 29.87 6.78
N GLU B 200 -13.15 29.54 5.49
CA GLU B 200 -12.21 28.50 5.01
C GLU B 200 -11.63 28.86 3.63
N ASP B 201 -10.49 28.23 3.29
CA ASP B 201 -9.91 28.38 1.94
C ASP B 201 -10.52 27.35 0.98
N THR B 202 -11.06 26.25 1.54
CA THR B 202 -11.74 25.18 0.82
C THR B 202 -12.84 24.64 1.71
N GLU B 203 -13.84 23.97 1.14
CA GLU B 203 -14.79 23.28 2.00
C GLU B 203 -14.08 22.13 2.73
N GLU B 204 -14.34 21.98 4.02
CA GLU B 204 -13.74 20.92 4.84
C GLU B 204 -14.63 20.63 6.04
N ILE B 205 -15.04 21.67 6.77
CA ILE B 205 -15.91 21.52 7.94
C ILE B 205 -17.28 21.03 7.42
N VAL B 206 -17.95 20.21 8.21
CA VAL B 206 -19.32 19.75 7.92
C VAL B 206 -20.22 20.03 9.13
N PHE B 207 -21.52 20.16 8.84
CA PHE B 207 -22.53 20.57 9.78
C PHE B 207 -23.48 19.39 9.97
N LYS B 208 -23.01 18.36 10.67
CA LYS B 208 -23.84 17.21 11.06
C LYS B 208 -24.86 17.61 12.14
N HIS B 209 -24.57 18.63 12.95
CA HIS B 209 -25.33 18.85 14.19
C HIS B 209 -26.15 20.15 14.16
N HIS B 210 -25.88 21.04 13.21
CA HIS B 210 -26.49 22.37 13.19
C HIS B 210 -27.24 22.59 11.89
N LYS B 211 -28.38 23.30 12.00
CA LYS B 211 -29.25 23.52 10.91
C LYS B 211 -29.08 24.95 10.42
N ASN B 212 -28.82 25.89 11.34
CA ASN B 212 -28.72 27.30 10.98
C ASN B 212 -27.25 27.73 10.91
N TYR B 213 -26.73 27.91 9.70
CA TYR B 213 -25.30 28.24 9.51
C TYR B 213 -25.05 28.76 8.08
N THR B 214 -23.84 29.27 7.84
CA THR B 214 -23.42 29.78 6.53
C THR B 214 -21.90 29.64 6.41
N GLN B 215 -21.43 29.06 5.30
CA GLN B 215 -20.01 28.89 5.04
C GLN B 215 -19.49 30.02 4.15
N LEU B 216 -18.37 30.61 4.58
CA LEU B 216 -17.62 31.62 3.82
C LEU B 216 -16.32 31.03 3.30
N PHE B 217 -15.87 31.55 2.15
CA PHE B 217 -14.65 31.10 1.43
C PHE B 217 -13.83 32.30 0.90
N PHE B 218 -12.52 32.28 1.18
CA PHE B 218 -11.64 33.32 0.67
C PHE B 218 -10.85 32.74 -0.49
N GLY B 219 -10.66 33.59 -1.48
CA GLY B 219 -10.21 33.22 -2.79
C GLY B 219 -9.44 34.39 -3.33
N GLY B 220 -8.97 34.33 -4.57
CA GLY B 220 -8.07 35.31 -5.11
C GLY B 220 -8.21 36.70 -4.48
N ASN B 221 -9.22 37.45 -4.89
CA ASN B 221 -9.26 38.89 -4.56
C ASN B 221 -9.90 39.10 -3.18
N ILE B 222 -10.66 38.09 -2.71
CA ILE B 222 -11.37 38.14 -1.45
C ILE B 222 -10.49 37.55 -0.32
N THR B 223 -10.11 38.35 0.67
CA THR B 223 -9.25 37.88 1.78
C THR B 223 -10.10 37.28 2.91
N SER B 224 -9.47 36.48 3.75
CA SER B 224 -10.05 35.95 4.99
C SER B 224 -10.57 37.09 5.88
N ALA B 225 -9.90 38.25 5.81
CA ALA B 225 -10.27 39.45 6.59
C ALA B 225 -11.65 39.93 6.12
N ASP B 226 -11.82 40.00 4.80
CA ASP B 226 -13.09 40.37 4.17
C ASP B 226 -14.19 39.42 4.66
N CYS B 227 -13.88 38.13 4.73
CA CYS B 227 -14.83 37.15 5.22
C CYS B 227 -15.15 37.41 6.70
N LEU B 228 -14.11 37.61 7.50
CA LEU B 228 -14.32 37.89 8.91
C LEU B 228 -15.09 39.20 9.12
N LYS B 229 -14.78 40.21 8.33
CA LYS B 229 -15.49 41.46 8.37
C LYS B 229 -16.98 41.22 8.06
N SER B 230 -17.27 40.43 7.03
CA SER B 230 -18.63 40.17 6.62
C SER B 230 -19.34 39.39 7.73
N CYS B 231 -18.70 38.29 8.11
CA CYS B 231 -19.15 37.41 9.18
C CYS B 231 -19.74 38.17 10.39
N LEU B 232 -19.06 39.24 10.84
CA LEU B 232 -19.49 39.98 12.05
C LEU B 232 -20.73 40.83 11.80
N ARG B 233 -21.24 40.79 10.55
CA ARG B 233 -22.48 41.44 10.13
C ARG B 233 -23.54 40.41 9.71
N MET B 234 -23.39 39.15 10.14
CA MET B 234 -24.31 38.07 9.78
C MET B 234 -24.93 37.43 11.06
N ARG B 235 -24.91 38.20 12.16
CA ARG B 235 -25.36 37.81 13.55
C ARG B 235 -24.92 36.41 13.94
N PRO B 236 -23.62 36.09 13.83
CA PRO B 236 -23.15 34.76 14.23
C PRO B 236 -23.22 34.63 15.75
N ASP B 237 -23.50 33.41 16.21
CA ASP B 237 -23.32 32.98 17.62
C ASP B 237 -21.95 32.32 17.80
N ARG B 238 -21.49 31.59 16.77
CA ARG B 238 -20.19 30.97 16.75
C ARG B 238 -19.48 31.31 15.44
N ILE B 239 -18.21 31.71 15.52
CA ILE B 239 -17.34 31.88 14.34
C ILE B 239 -16.29 30.76 14.35
N ILE B 240 -16.19 30.01 13.24
CA ILE B 240 -15.19 28.94 13.10
C ILE B 240 -14.27 29.28 11.94
N LEU B 241 -13.02 29.59 12.27
CA LEU B 241 -11.99 30.00 11.33
C LEU B 241 -11.10 28.81 11.04
N GLY B 242 -11.20 28.12 9.94
CA GLY B 242 -10.35 26.93 9.73
C GLY B 242 -8.88 27.15 10.08
N GLU B 243 -8.35 28.35 9.84
CA GLU B 243 -6.92 28.61 9.92
C GLU B 243 -6.68 30.11 10.09
N LEU B 244 -5.76 30.46 11.00
CA LEU B 244 -5.10 31.79 11.06
C LEU B 244 -3.76 31.68 10.32
N ARG B 245 -3.57 32.48 9.28
CA ARG B 245 -2.37 32.34 8.48
C ARG B 245 -1.54 33.63 8.51
N SER B 246 -2.15 34.76 8.17
CA SER B 246 -1.41 36.00 7.97
C SER B 246 -2.11 37.18 8.67
N SER B 247 -2.40 38.23 7.88
CA SER B 247 -2.80 39.55 8.36
C SER B 247 -3.98 39.41 9.33
N GLU B 248 -5.04 38.70 8.87
CA GLU B 248 -6.34 38.64 9.53
C GLU B 248 -6.20 38.36 11.04
N ALA B 249 -5.02 37.92 11.47
CA ALA B 249 -4.73 37.63 12.89
C ALA B 249 -5.08 38.81 13.80
N TYR B 250 -4.96 40.05 13.27
CA TYR B 250 -5.28 41.25 14.04
C TYR B 250 -6.80 41.42 14.15
N ASP B 251 -7.51 41.11 13.07
CA ASP B 251 -8.96 41.23 13.03
C ASP B 251 -9.58 40.26 14.05
N PHE B 252 -9.13 39.01 14.02
CA PHE B 252 -9.47 38.00 15.01
C PHE B 252 -9.23 38.48 16.44
N TYR B 253 -8.10 39.19 16.63
CA TYR B 253 -7.72 39.82 17.91
C TYR B 253 -8.80 40.80 18.37
N ASN B 254 -9.27 41.64 17.45
CA ASN B 254 -10.23 42.71 17.72
C ASN B 254 -11.66 42.17 17.86
N VAL B 255 -11.92 40.97 17.35
CA VAL B 255 -13.17 40.26 17.59
C VAL B 255 -13.24 39.84 19.07
N LEU B 256 -12.12 39.35 19.60
CA LEU B 256 -12.05 38.88 20.97
C LEU B 256 -12.25 40.05 21.95
N CYS B 257 -11.64 41.20 21.61
CA CYS B 257 -11.62 42.43 22.41
C CYS B 257 -13.02 43.05 22.49
N SER B 258 -13.87 42.72 21.52
CA SER B 258 -15.28 43.11 21.48
C SER B 258 -16.16 42.12 22.26
N GLY B 259 -15.50 41.16 22.94
CA GLY B 259 -16.12 40.21 23.84
C GLY B 259 -16.48 38.90 23.15
N HIS B 260 -16.88 38.98 21.87
CA HIS B 260 -17.63 37.94 21.11
C HIS B 260 -17.60 36.53 21.73
N LYS B 261 -18.68 35.77 21.48
CA LYS B 261 -18.96 34.46 22.12
C LYS B 261 -18.50 33.32 21.21
N GLY B 262 -18.01 32.21 21.74
CA GLY B 262 -17.84 31.01 20.92
C GLY B 262 -17.09 31.23 19.61
N THR B 263 -15.81 31.59 19.74
CA THR B 263 -14.89 31.56 18.63
C THR B 263 -14.13 30.22 18.67
N LEU B 264 -13.73 29.75 17.49
CA LEU B 264 -13.09 28.44 17.34
C LEU B 264 -12.21 28.45 16.09
N THR B 265 -10.92 28.13 16.23
CA THR B 265 -9.97 28.27 15.12
C THR B 265 -8.74 27.36 15.28
N THR B 266 -7.94 27.29 14.20
CA THR B 266 -6.70 26.54 14.19
C THR B 266 -5.56 27.41 13.67
N LEU B 267 -4.34 26.90 13.87
CA LEU B 267 -3.12 27.67 13.77
C LEU B 267 -1.94 26.68 13.72
N HIS B 268 -0.86 27.04 13.02
CA HIS B 268 0.41 26.28 13.08
C HIS B 268 1.27 26.83 14.22
N ALA B 269 1.46 26.01 15.26
CA ALA B 269 2.34 26.31 16.37
C ALA B 269 2.80 25.00 17.02
N GLY B 270 3.88 25.09 17.80
CA GLY B 270 4.50 23.94 18.45
C GLY B 270 3.96 23.71 19.85
N SER B 271 3.48 24.79 20.49
CA SER B 271 3.04 24.72 21.89
C SER B 271 2.18 25.96 22.23
N SER B 272 1.53 25.89 23.39
CA SER B 272 0.71 26.97 23.89
C SER B 272 1.49 28.28 23.87
N GLU B 273 2.66 28.28 24.50
CA GLU B 273 3.47 29.50 24.63
C GLU B 273 3.89 29.98 23.24
N GLU B 274 4.10 29.04 22.30
CA GLU B 274 4.38 29.36 20.89
C GLU B 274 3.13 30.00 20.25
N ALA B 275 1.95 29.43 20.52
CA ALA B 275 0.70 29.89 19.92
C ALA B 275 0.55 31.40 20.12
N PHE B 276 0.73 31.86 21.37
CA PHE B 276 0.62 33.29 21.72
C PHE B 276 1.63 34.15 20.93
N ILE B 277 2.79 33.56 20.59
CA ILE B 277 3.87 34.26 19.90
C ILE B 277 3.57 34.27 18.39
N ARG B 278 3.11 33.14 17.85
CA ARG B 278 2.74 33.10 16.44
C ARG B 278 1.57 34.06 16.18
N LEU B 279 0.68 34.19 17.17
CA LEU B 279 -0.48 35.08 17.08
C LEU B 279 -0.02 36.54 17.06
N ALA B 280 0.91 36.88 17.97
CA ALA B 280 1.39 38.26 18.12
C ALA B 280 2.25 38.67 16.92
N ASN B 281 2.97 37.72 16.32
CA ASN B 281 3.79 37.99 15.13
C ASN B 281 2.85 38.27 13.95
N MET B 282 1.99 37.30 13.65
CA MET B 282 0.98 37.37 12.58
C MET B 282 0.20 38.69 12.65
N SER B 283 -0.21 39.10 13.87
CA SER B 283 -1.00 40.31 14.13
C SER B 283 -0.21 41.56 13.74
N SER B 284 1.06 41.62 14.15
CA SER B 284 1.93 42.79 13.95
C SER B 284 2.13 43.08 12.45
N SER B 285 2.03 42.04 11.62
CA SER B 285 2.15 42.15 10.15
C SER B 285 0.99 42.98 9.58
N ASN B 286 -0.14 43.04 10.31
CA ASN B 286 -1.26 43.94 10.00
C ASN B 286 -0.84 45.36 10.41
N SER B 287 -0.71 46.26 9.42
CA SER B 287 -0.21 47.62 9.66
C SER B 287 -1.17 48.42 10.55
N ALA B 288 -2.45 48.00 10.63
CA ALA B 288 -3.42 48.60 11.55
C ALA B 288 -2.97 48.46 13.01
N ALA B 289 -1.94 47.65 13.28
CA ALA B 289 -1.36 47.51 14.63
C ALA B 289 0.04 48.14 14.69
N ARG B 290 0.31 49.08 13.78
CA ARG B 290 1.63 49.72 13.61
C ARG B 290 2.16 50.25 14.95
N ASN B 291 1.27 50.75 15.81
CA ASN B 291 1.65 51.49 17.02
C ASN B 291 1.41 50.66 18.29
N ILE B 292 1.16 49.36 18.13
CA ILE B 292 0.72 48.52 19.26
C ILE B 292 1.92 47.81 19.87
N LYS B 293 2.00 47.84 21.21
CA LYS B 293 3.04 47.16 21.97
C LYS B 293 2.94 45.65 21.74
N PHE B 294 4.00 45.05 21.14
CA PHE B 294 4.10 43.61 20.82
C PHE B 294 3.91 42.72 22.08
N GLU B 295 4.35 43.20 23.25
CA GLU B 295 4.12 42.53 24.55
C GLU B 295 2.67 42.74 24.99
N SER B 296 2.05 43.80 24.47
CA SER B 296 0.63 44.08 24.69
C SER B 296 -0.24 43.16 23.83
N LEU B 297 0.25 42.76 22.65
CA LEU B 297 -0.45 41.78 21.81
C LEU B 297 -0.45 40.42 22.51
N ILE B 298 0.73 39.97 22.93
CA ILE B 298 0.88 38.66 23.58
C ILE B 298 0.04 38.63 24.87
N GLU B 299 0.10 39.71 25.66
CA GLU B 299 -0.67 39.77 26.91
C GLU B 299 -2.17 39.84 26.58
N GLY B 300 -2.48 40.45 25.44
CA GLY B 300 -3.85 40.58 24.97
C GLY B 300 -4.46 39.24 24.61
N PHE B 301 -3.73 38.48 23.77
CA PHE B 301 -4.14 37.16 23.36
C PHE B 301 -4.25 36.22 24.56
N LYS B 302 -3.36 36.37 25.56
CA LYS B 302 -3.33 35.52 26.78
C LYS B 302 -4.58 35.78 27.64
N ASP B 303 -5.01 37.04 27.68
CA ASP B 303 -6.22 37.46 28.39
C ASP B 303 -7.49 36.87 27.76
N LEU B 304 -7.48 36.62 26.44
CA LEU B 304 -8.73 36.36 25.68
C LEU B 304 -8.91 34.87 25.35
N ILE B 305 -7.83 34.15 25.02
CA ILE B 305 -7.90 32.75 24.62
C ILE B 305 -8.07 31.87 25.87
N ASP B 306 -9.16 31.10 25.90
CA ASP B 306 -9.58 30.32 27.04
C ASP B 306 -8.95 28.93 27.06
N MET B 307 -8.80 28.30 25.88
CA MET B 307 -8.23 26.94 25.82
C MET B 307 -7.40 26.78 24.54
N ILE B 308 -6.32 26.00 24.66
CA ILE B 308 -5.46 25.67 23.52
C ILE B 308 -5.15 24.18 23.56
N VAL B 309 -5.47 23.50 22.48
CA VAL B 309 -5.09 22.13 22.30
C VAL B 309 -3.89 22.08 21.34
N HIS B 310 -2.78 21.45 21.75
CA HIS B 310 -1.67 21.17 20.83
C HIS B 310 -1.63 19.68 20.48
N ILE B 311 -1.37 19.38 19.19
CA ILE B 311 -1.31 18.02 18.65
C ILE B 311 0.09 17.76 18.08
N ASN B 312 0.74 16.72 18.59
CA ASN B 312 2.05 16.29 18.09
C ASN B 312 1.83 15.54 16.77
N HIS B 313 2.94 15.13 16.15
CA HIS B 313 2.92 14.49 14.83
C HIS B 313 2.40 13.03 14.88
N HIS B 314 2.14 12.48 16.08
CA HIS B 314 1.50 11.16 16.25
C HIS B 314 0.03 11.33 16.64
N LYS B 315 -0.58 12.42 16.13
CA LYS B 315 -2.00 12.72 16.22
C LYS B 315 -2.54 12.62 17.67
N GLN B 316 -1.75 13.05 18.66
CA GLN B 316 -2.16 12.98 20.07
C GLN B 316 -1.97 14.35 20.73
N CYS B 317 -2.85 14.66 21.69
CA CYS B 317 -2.76 15.92 22.43
C CYS B 317 -1.64 15.81 23.47
N ASP B 318 -0.61 16.64 23.32
CA ASP B 318 0.50 16.66 24.26
C ASP B 318 0.48 17.93 25.12
N GLU B 319 -0.47 18.83 24.86
CA GLU B 319 -0.70 19.97 25.70
C GLU B 319 -2.16 20.40 25.57
N PHE B 320 -2.84 20.41 26.73
CA PHE B 320 -4.16 20.98 26.87
C PHE B 320 -4.08 22.19 27.81
N TYR B 321 -3.81 23.35 27.22
CA TYR B 321 -3.71 24.60 27.95
C TYR B 321 -5.12 25.10 28.29
N ILE B 322 -5.31 25.52 29.54
CA ILE B 322 -6.55 26.12 30.02
C ILE B 322 -6.23 27.48 30.66
N LYS B 323 -7.17 28.41 30.54
CA LYS B 323 -7.11 29.76 31.15
C LYS B 323 -5.70 30.34 30.98
#